data_4XPD
#
_entry.id   4XPD
#
_cell.length_a   85.564
_cell.length_b   113.649
_cell.length_c   146.721
_cell.angle_alpha   90.00
_cell.angle_beta   90.00
_cell.angle_gamma   90.00
#
_symmetry.space_group_name_H-M   'P 21 21 21'
#
loop_
_entity.id
_entity.type
_entity.pdbx_description
1 polymer 'N-terminal acetyltransferase A complex subunit NAT1'
2 polymer 'N-terminal acetyltransferase A complex catalytic subunit ARD1'
3 polymer 'N-terminal acetyltransferase A complex subunit NAT5'
4 polymer 'human ACTH8'
5 non-polymer "GUANOSINE-5',3'-TETRAPHOSPHATE"
6 non-polymer 'ACETYL COENZYME *A'
7 non-polymer 'CARBOXYMETHYL COENZYME *A'
8 water water
#
loop_
_entity_poly.entity_id
_entity_poly.type
_entity_poly.pdbx_seq_one_letter_code
_entity_poly.pdbx_strand_id
1 'polypeptide(L)'
;MSRKRSTKPKPAAKIALKKENDQFLEALKLYEGKQYKKSLKLLDAILKKDGSHVDSLALKGLDLYSVGEKDDAASYVANA
IRKIEGASASPICCHVLGIYMRNTKEYKESIKWFTAALNNGSTNKQIYRDLATLQSQIGDFKNALVSRKKYWEAFLGYRA
NWTSLAVAQDVNGERQQAINTLSQFEKLAEGKISDSEKYEHSECLMYKNDIMYKAASDNQDKLQNVLKHLNDIEPCVFDK
FGLLERKATIYMKLGQLKDASIVYRTLIKRNPDNFKYYKLLEVSLGIQGDNKLKKALYGKLEQFYPRCEPPKFIPLTFLQ
DKEELSKKLREYVLPQLERGVPATFSNVKPLYQRRKSKVSPLLEKIVLDYLSGLDPTQDPIPFIWTNYYLSQHFLFLKDF
PKAQEYIDAALDHTPTLVEFYILKARILKHLGLMDTAAGILEEGRQLDLQDRFINCKTVKYFLRANNIDKAVEVASLFTK
NDDSVNGIKDLHLVEASWFIVEQAEAYYRLYLDRKKKLDDLASLKKEVESDKSEQIANDIKENQWLVRKYKGLALKRFNA
IPKFYKQFEDDQLDFHSYCMRKGTPRAYLEMLEWGKALYTKPMYVRAMKEASKLYFQMHDDRLKRKSDSLDENSDEIQNN
GQNSSSQKKKAKKEAAAMNKRKETEAKSVAAYPSDQDNDVFGEKLIETSTPMEDFATEFYNNYSMQVREDERDYILDFEF
NYRIGKLALCFASLNKFAKRFGTTSGLFGSMAIVLLHATRNDTPFDPILKKVVTKSLEKEYSENFPLNEISNNSFDWLNF
YQEKFGKNDINGLLFLYRYRDDVPIGSSNLKEMIISSLSPLEPHSQNEILQYYL
;
A
2 'polypeptide(L)'
;MPINIRRATINDIICMQNANLHNLPENYMMKYYMYHILSWPEASFVATTTTLDCEDSDEQDENDKLELTLDGTNDGRTIK
LDPTYLAPGEKLVGYVLVKMNDDPDQQNEPPNGHITSLSVMRTYRRMGIAENLMRQALFALREVHQAEYVSLHVRQSNRA
ALHLYRDTLAFEVLSIEKSYYQDGEDAYAMKKVLKLEELQISNFTHRRLKENEEKLEDDLESDLLEDIIKQGVNDIIV
;
B
3 'polypeptide(L)'
;MGRDICTLDNVYANNLGMLTKLAHVTVPNLYQDAFFSALFAEDSLVAKNKKPSSKKDVHFTQMAYYSEIPVGGLVAKLVP
KKQNELSLKGIQIEFLGVLPNYRHKSIGSKLLKFAEDKCSECHQHNVFVYLPAVDDLTKQWFIAHGFEQVGETVNNFIKG
VNGDEQDAILLKKHIS
;
C
4 'polypeptide(L)' SYSMEHFR F
#
loop_
_chem_comp.id
_chem_comp.type
_chem_comp.name
_chem_comp.formula
ACO non-polymer 'ACETYL COENZYME *A' 'C23 H38 N7 O17 P3 S'
CMC non-polymer 'CARBOXYMETHYL COENZYME *A' 'C23 H38 N7 O18 P3 S'
G4P RNA linking GUANOSINE-5',3'-TETRAPHOSPHATE 'C10 H17 N5 O17 P4'
#
# COMPACT_ATOMS: atom_id res chain seq x y z
N ASP A 22 53.49 -5.93 -3.90
CA ASP A 22 54.08 -5.12 -2.80
C ASP A 22 53.26 -3.85 -2.57
N GLN A 23 53.40 -2.89 -3.47
CA GLN A 23 52.75 -1.58 -3.32
C GLN A 23 51.30 -1.65 -3.78
N PHE A 24 51.02 -2.57 -4.70
CA PHE A 24 49.65 -2.88 -5.10
C PHE A 24 48.91 -3.60 -3.97
N LEU A 25 49.63 -4.46 -3.25
CA LEU A 25 49.07 -5.18 -2.11
C LEU A 25 48.73 -4.23 -0.97
N GLU A 26 49.50 -3.15 -0.81
CA GLU A 26 49.20 -2.14 0.19
C GLU A 26 47.85 -1.48 -0.14
N ALA A 27 47.64 -1.23 -1.42
CA ALA A 27 46.43 -0.54 -1.91
C ALA A 27 45.17 -1.41 -1.80
N LEU A 28 45.35 -2.73 -1.84
CA LEU A 28 44.23 -3.66 -1.70
C LEU A 28 43.70 -3.69 -0.27
N LYS A 29 44.59 -3.52 0.70
CA LYS A 29 44.20 -3.45 2.11
C LYS A 29 43.31 -2.24 2.33
N LEU A 30 43.75 -1.11 1.78
CA LEU A 30 43.06 0.16 1.95
C LEU A 30 41.70 0.22 1.26
N TYR A 31 41.43 -0.69 0.33
CA TYR A 31 40.09 -0.89 -0.22
C TYR A 31 39.17 -1.53 0.83
N GLU A 32 39.66 -2.61 1.45
CA GLU A 32 38.94 -3.27 2.53
C GLU A 32 38.86 -2.35 3.75
N GLY A 33 39.87 -1.50 3.90
CA GLY A 33 39.91 -0.51 4.97
C GLY A 33 39.18 0.79 4.69
N LYS A 34 38.51 0.86 3.53
CA LYS A 34 37.69 2.01 3.13
C LYS A 34 38.43 3.34 2.90
N GLN A 35 39.77 3.29 2.89
CA GLN A 35 40.59 4.46 2.56
C GLN A 35 40.81 4.51 1.04
N TYR A 36 39.76 4.90 0.33
CA TYR A 36 39.72 4.80 -1.14
C TYR A 36 40.65 5.81 -1.83
N LYS A 37 40.71 7.03 -1.32
CA LYS A 37 41.64 8.04 -1.85
C LYS A 37 43.09 7.67 -1.54
N LYS A 38 43.36 7.23 -0.32
CA LYS A 38 44.69 6.78 0.07
C LYS A 38 45.19 5.64 -0.83
N SER A 39 44.28 4.75 -1.21
CA SER A 39 44.59 3.66 -2.15
C SER A 39 44.93 4.19 -3.55
N LEU A 40 44.11 5.12 -4.04
CA LEU A 40 44.33 5.70 -5.38
C LEU A 40 45.64 6.47 -5.46
N LYS A 41 45.99 7.19 -4.40
CA LYS A 41 47.26 7.90 -4.34
C LYS A 41 48.41 6.98 -4.72
N LEU A 42 48.38 5.75 -4.18
CA LEU A 42 49.40 4.75 -4.46
C LEU A 42 49.31 4.21 -5.89
N LEU A 43 48.12 3.83 -6.32
CA LEU A 43 47.92 3.22 -7.64
C LEU A 43 48.31 4.16 -8.79
N ASP A 44 48.12 5.46 -8.60
CA ASP A 44 48.58 6.47 -9.58
C ASP A 44 50.11 6.44 -9.74
N ALA A 45 50.83 6.26 -8.63
CA ALA A 45 52.28 6.15 -8.65
C ALA A 45 52.74 4.90 -9.42
N ILE A 46 52.00 3.80 -9.25
CA ILE A 46 52.30 2.55 -9.96
C ILE A 46 52.08 2.70 -11.46
N LEU A 47 50.91 3.23 -11.81
CA LEU A 47 50.53 3.40 -13.21
C LEU A 47 51.28 4.55 -13.90
N LYS A 48 51.87 5.44 -13.10
CA LYS A 48 52.76 6.47 -13.65
C LYS A 48 53.99 5.84 -14.30
N LYS A 49 54.54 4.80 -13.67
CA LYS A 49 55.70 4.08 -14.22
C LYS A 49 55.35 2.71 -14.83
N ASP A 50 54.08 2.31 -14.77
CA ASP A 50 53.60 1.13 -15.49
C ASP A 50 52.09 1.22 -15.79
N GLY A 51 51.73 2.13 -16.69
CA GLY A 51 50.35 2.32 -17.13
C GLY A 51 49.69 1.13 -17.82
N SER A 52 50.47 0.11 -18.12
CA SER A 52 49.94 -1.15 -18.67
C SER A 52 49.74 -2.23 -17.60
N HIS A 53 49.83 -1.86 -16.32
CA HIS A 53 49.70 -2.83 -15.23
C HIS A 53 48.24 -3.19 -14.98
N VAL A 54 47.83 -4.35 -15.52
CA VAL A 54 46.44 -4.81 -15.47
C VAL A 54 45.87 -4.81 -14.05
N ASP A 55 46.64 -5.31 -13.08
CA ASP A 55 46.19 -5.40 -11.69
C ASP A 55 45.77 -4.05 -11.12
N SER A 56 46.64 -3.07 -11.26
CA SER A 56 46.40 -1.72 -10.75
C SER A 56 45.17 -1.07 -11.40
N LEU A 57 45.03 -1.24 -12.71
CA LEU A 57 43.93 -0.65 -13.49
C LEU A 57 42.56 -1.11 -12.99
N ALA A 58 42.43 -2.42 -12.76
CA ALA A 58 41.19 -3.00 -12.26
C ALA A 58 40.86 -2.50 -10.87
N LEU A 59 41.85 -2.47 -9.99
CA LEU A 59 41.65 -1.98 -8.63
C LEU A 59 41.29 -0.50 -8.63
N LYS A 60 41.89 0.27 -9.54
CA LYS A 60 41.57 1.69 -9.65
C LYS A 60 40.09 1.88 -9.95
N GLY A 61 39.58 1.11 -10.91
CA GLY A 61 38.16 1.14 -11.27
C GLY A 61 37.25 0.96 -10.07
N LEU A 62 37.57 0.00 -9.21
CA LEU A 62 36.75 -0.32 -8.04
C LEU A 62 36.81 0.76 -6.97
N ASP A 63 37.98 1.36 -6.80
CA ASP A 63 38.15 2.50 -5.90
C ASP A 63 37.35 3.69 -6.38
N LEU A 64 37.45 3.97 -7.68
CA LEU A 64 36.74 5.07 -8.33
C LEU A 64 35.23 4.84 -8.35
N TYR A 65 34.80 3.58 -8.40
CA TYR A 65 33.38 3.25 -8.26
C TYR A 65 32.88 3.48 -6.84
N SER A 66 33.72 3.18 -5.86
CA SER A 66 33.30 3.28 -4.46
C SER A 66 33.02 4.72 -4.01
N VAL A 67 33.50 5.71 -4.78
CA VAL A 67 33.34 7.12 -4.44
C VAL A 67 31.94 7.76 -4.63
N GLY A 68 31.33 7.67 -5.83
CA GLY A 68 31.82 6.92 -6.97
C GLY A 68 31.80 7.68 -8.29
N GLU A 69 32.97 7.92 -8.85
CA GLU A 69 33.10 8.51 -10.18
C GLU A 69 32.89 7.38 -11.19
N LYS A 70 31.62 7.07 -11.44
CA LYS A 70 31.24 5.85 -12.12
C LYS A 70 31.56 5.81 -13.62
N ASP A 71 31.82 6.97 -14.22
CA ASP A 71 32.15 7.03 -15.64
C ASP A 71 33.63 6.72 -15.87
N ASP A 72 34.50 7.23 -15.00
CA ASP A 72 35.93 6.91 -15.04
C ASP A 72 36.15 5.45 -14.67
N ALA A 73 35.42 4.98 -13.66
CA ALA A 73 35.52 3.61 -13.19
C ALA A 73 35.35 2.61 -14.33
N ALA A 74 34.28 2.76 -15.10
CA ALA A 74 33.99 1.86 -16.22
C ALA A 74 35.05 1.91 -17.31
N SER A 75 35.68 3.07 -17.47
CA SER A 75 36.75 3.27 -18.47
C SER A 75 38.07 2.62 -18.05
N TYR A 76 38.41 2.71 -16.77
CA TYR A 76 39.61 2.06 -16.24
C TYR A 76 39.48 0.53 -16.28
N VAL A 77 38.28 0.03 -16.01
CA VAL A 77 38.01 -1.40 -16.03
C VAL A 77 38.09 -1.93 -17.46
N ALA A 78 37.43 -1.25 -18.40
CA ALA A 78 37.42 -1.66 -19.80
C ALA A 78 38.83 -1.69 -20.38
N ASN A 79 39.64 -0.71 -20.00
CA ASN A 79 41.04 -0.67 -20.42
C ASN A 79 41.81 -1.88 -19.90
N ALA A 80 41.62 -2.21 -18.63
CA ALA A 80 42.24 -3.40 -18.04
C ALA A 80 41.81 -4.67 -18.80
N ILE A 81 40.51 -4.81 -19.02
CA ILE A 81 39.96 -5.98 -19.74
C ILE A 81 40.57 -6.13 -21.14
N ARG A 82 40.80 -5.01 -21.82
CA ARG A 82 41.39 -5.04 -23.17
C ARG A 82 42.81 -5.61 -23.22
N LYS A 83 43.47 -5.72 -22.06
CA LYS A 83 44.84 -6.23 -21.98
C LYS A 83 44.91 -7.76 -21.87
N ILE A 84 43.76 -8.43 -21.83
CA ILE A 84 43.71 -9.89 -21.82
C ILE A 84 42.67 -10.38 -22.84
N SER A 90 45.89 -12.08 -13.30
CA SER A 90 46.21 -12.39 -11.90
C SER A 90 44.99 -12.96 -11.18
N PRO A 91 45.23 -13.69 -10.07
CA PRO A 91 44.11 -14.21 -9.28
C PRO A 91 43.45 -13.12 -8.43
N ILE A 92 44.23 -12.20 -7.88
CA ILE A 92 43.69 -11.12 -7.06
C ILE A 92 43.00 -10.07 -7.92
N CYS A 93 43.46 -9.90 -9.16
CA CYS A 93 42.80 -9.02 -10.12
C CYS A 93 41.40 -9.53 -10.47
N CYS A 94 41.29 -10.82 -10.75
CA CYS A 94 40.00 -11.45 -11.03
C CYS A 94 38.98 -11.22 -9.91
N HIS A 95 39.44 -11.29 -8.67
CA HIS A 95 38.58 -11.09 -7.51
C HIS A 95 38.05 -9.66 -7.45
N VAL A 96 38.90 -8.71 -7.80
CA VAL A 96 38.55 -7.28 -7.81
C VAL A 96 37.56 -6.95 -8.92
N LEU A 97 37.82 -7.48 -10.12
CA LEU A 97 36.86 -7.36 -11.21
C LEU A 97 35.50 -7.92 -10.79
N GLY A 98 35.51 -9.11 -10.19
CA GLY A 98 34.27 -9.77 -9.78
C GLY A 98 33.43 -8.97 -8.81
N ILE A 99 34.09 -8.28 -7.88
CA ILE A 99 33.38 -7.41 -6.94
C ILE A 99 32.76 -6.20 -7.65
N TYR A 100 33.49 -5.62 -8.61
CA TYR A 100 32.99 -4.49 -9.38
C TYR A 100 31.76 -4.88 -10.20
N MET A 101 31.84 -6.00 -10.90
CA MET A 101 30.75 -6.45 -11.75
C MET A 101 29.47 -6.72 -10.95
N ARG A 102 29.63 -7.31 -9.77
CA ARG A 102 28.49 -7.51 -8.88
C ARG A 102 27.94 -6.16 -8.44
N ASN A 103 28.83 -5.19 -8.20
CA ASN A 103 28.42 -3.84 -7.81
C ASN A 103 27.60 -3.15 -8.90
N THR A 104 27.97 -3.38 -10.17
CA THR A 104 27.24 -2.82 -11.30
C THR A 104 26.09 -3.72 -11.78
N LYS A 105 25.71 -4.70 -10.97
CA LYS A 105 24.66 -5.67 -11.30
C LYS A 105 24.93 -6.54 -12.54
N GLU A 106 26.18 -6.62 -12.96
CA GLU A 106 26.61 -7.53 -14.01
C GLU A 106 27.00 -8.87 -13.37
N TYR A 107 25.99 -9.60 -12.91
CA TYR A 107 26.20 -10.84 -12.15
C TYR A 107 26.79 -11.96 -13.01
N LYS A 108 26.35 -12.04 -14.27
CA LYS A 108 26.86 -13.04 -15.22
C LYS A 108 28.36 -12.84 -15.46
N GLU A 109 28.78 -11.60 -15.67
CA GLU A 109 30.21 -11.30 -15.81
C GLU A 109 30.96 -11.46 -14.48
N SER A 110 30.30 -11.12 -13.37
CA SER A 110 30.87 -11.34 -12.05
C SER A 110 31.24 -12.82 -11.88
N ILE A 111 30.37 -13.72 -12.34
CA ILE A 111 30.62 -15.15 -12.26
C ILE A 111 31.83 -15.57 -13.12
N LYS A 112 31.99 -14.96 -14.29
CA LYS A 112 33.14 -15.26 -15.15
C LYS A 112 34.44 -14.95 -14.42
N TRP A 113 34.52 -13.77 -13.82
CA TRP A 113 35.75 -13.32 -13.19
C TRP A 113 36.03 -13.98 -11.83
N PHE A 114 34.98 -14.27 -11.08
CA PHE A 114 35.15 -15.03 -9.83
C PHE A 114 35.66 -16.46 -10.10
N THR A 115 35.22 -17.05 -11.21
CA THR A 115 35.73 -18.35 -11.63
C THR A 115 37.18 -18.24 -12.10
N ALA A 116 37.47 -17.19 -12.86
CA ALA A 116 38.82 -16.98 -13.38
C ALA A 116 39.85 -16.86 -12.26
N ALA A 117 39.44 -16.32 -11.11
CA ALA A 117 40.32 -16.24 -9.94
C ALA A 117 40.73 -17.64 -9.47
N LEU A 118 39.75 -18.54 -9.40
CA LEU A 118 40.01 -19.91 -8.98
C LEU A 118 40.87 -20.66 -10.00
N ASN A 119 40.44 -20.63 -11.27
CA ASN A 119 41.20 -21.24 -12.37
C ASN A 119 42.65 -20.77 -12.43
N ASN A 120 42.89 -19.51 -12.10
CA ASN A 120 44.23 -18.96 -12.12
C ASN A 120 44.85 -18.94 -10.73
N GLY A 121 44.54 -19.96 -9.93
CA GLY A 121 45.29 -20.27 -8.71
C GLY A 121 44.97 -19.45 -7.47
N SER A 122 43.69 -19.30 -7.14
CA SER A 122 43.30 -18.63 -5.90
C SER A 122 43.04 -19.66 -4.81
N THR A 123 43.53 -19.37 -3.61
CA THR A 123 43.29 -20.21 -2.45
C THR A 123 42.23 -19.62 -1.52
N ASN A 124 41.64 -18.48 -1.90
CA ASN A 124 40.54 -17.89 -1.12
C ASN A 124 39.25 -18.67 -1.32
N LYS A 125 38.82 -19.36 -0.27
CA LYS A 125 37.66 -20.26 -0.37
C LYS A 125 36.33 -19.51 -0.22
N GLN A 126 36.40 -18.23 0.11
CA GLN A 126 35.20 -17.40 0.21
C GLN A 126 34.54 -17.12 -1.14
N ILE A 127 35.28 -17.35 -2.23
CA ILE A 127 34.73 -17.17 -3.56
C ILE A 127 33.54 -18.09 -3.83
N TYR A 128 33.59 -19.32 -3.31
CA TYR A 128 32.49 -20.27 -3.50
C TYR A 128 31.16 -19.79 -2.91
N ARG A 129 31.24 -19.00 -1.83
CA ARG A 129 30.03 -18.42 -1.25
C ARG A 129 29.49 -17.27 -2.13
N ASP A 130 30.41 -16.46 -2.65
CA ASP A 130 30.05 -15.36 -3.54
C ASP A 130 29.50 -15.88 -4.88
N LEU A 131 30.02 -17.03 -5.31
CA LEU A 131 29.53 -17.67 -6.53
C LEU A 131 28.10 -18.14 -6.34
N ALA A 132 27.86 -18.91 -5.28
CA ALA A 132 26.52 -19.42 -4.98
C ALA A 132 25.48 -18.29 -4.89
N THR A 133 25.89 -17.16 -4.34
CA THR A 133 25.04 -15.97 -4.30
C THR A 133 24.67 -15.51 -5.71
N LEU A 134 25.67 -15.32 -6.56
CA LEU A 134 25.47 -14.82 -7.91
C LEU A 134 24.68 -15.79 -8.77
N GLN A 135 25.04 -17.07 -8.66
CA GLN A 135 24.36 -18.12 -9.42
C GLN A 135 22.90 -18.25 -9.02
N SER A 136 22.62 -18.23 -7.70
CA SER A 136 21.25 -18.21 -7.22
C SER A 136 20.50 -16.98 -7.73
N GLN A 137 21.20 -15.85 -7.75
CA GLN A 137 20.62 -14.59 -8.21
C GLN A 137 20.13 -14.67 -9.66
N ILE A 138 20.91 -15.29 -10.53
CA ILE A 138 20.56 -15.46 -11.94
C ILE A 138 19.79 -16.75 -12.25
N GLY A 139 19.31 -17.43 -11.21
CA GLY A 139 18.49 -18.63 -11.39
C GLY A 139 19.22 -19.92 -11.71
N ASP A 140 20.55 -19.87 -11.80
CA ASP A 140 21.36 -21.05 -12.16
C ASP A 140 21.67 -21.86 -10.92
N PHE A 141 20.71 -22.67 -10.49
CA PHE A 141 20.83 -23.45 -9.25
C PHE A 141 21.67 -24.71 -9.41
N LYS A 142 21.73 -25.23 -10.63
CA LYS A 142 22.60 -26.35 -10.97
C LYS A 142 24.03 -26.05 -10.51
N ASN A 143 24.55 -24.91 -10.95
CA ASN A 143 25.89 -24.50 -10.56
C ASN A 143 25.98 -23.98 -9.13
N ALA A 144 24.87 -23.39 -8.64
CA ALA A 144 24.81 -22.99 -7.24
C ALA A 144 25.01 -24.21 -6.34
N LEU A 145 24.42 -25.34 -6.71
CA LEU A 145 24.57 -26.58 -5.94
C LEU A 145 26.02 -26.99 -5.83
N VAL A 146 26.75 -26.84 -6.92
CA VAL A 146 28.18 -27.11 -6.94
C VAL A 146 28.92 -26.17 -6.01
N SER A 147 28.61 -24.88 -6.10
CA SER A 147 29.24 -23.89 -5.23
C SER A 147 28.92 -24.13 -3.75
N ARG A 148 27.66 -24.43 -3.45
CA ARG A 148 27.24 -24.73 -2.09
C ARG A 148 28.02 -25.90 -1.51
N LYS A 149 28.27 -26.90 -2.34
CA LYS A 149 28.90 -28.13 -1.86
C LYS A 149 30.36 -27.87 -1.50
N LYS A 150 31.08 -27.25 -2.42
CA LYS A 150 32.52 -26.98 -2.23
C LYS A 150 32.80 -26.01 -1.07
N TYR A 151 31.91 -25.04 -0.86
CA TYR A 151 32.01 -24.15 0.29
C TYR A 151 31.78 -24.92 1.59
N TRP A 152 30.74 -25.74 1.59
CA TRP A 152 30.40 -26.59 2.74
C TRP A 152 31.53 -27.54 3.12
N GLU A 153 32.25 -28.03 2.12
CA GLU A 153 33.42 -28.88 2.34
C GLU A 153 34.61 -28.09 2.90
N ALA A 154 34.63 -26.78 2.70
CA ALA A 154 35.69 -25.93 3.22
C ALA A 154 35.39 -25.36 4.62
N PHE A 155 34.12 -25.40 5.02
CA PHE A 155 33.68 -24.84 6.28
C PHE A 155 32.49 -25.64 6.83
N LEU A 156 32.74 -26.87 7.26
CA LEU A 156 31.71 -27.68 7.90
C LEU A 156 31.31 -27.13 9.27
N GLY A 157 32.13 -26.26 9.85
CA GLY A 157 31.87 -25.74 11.18
C GLY A 157 30.58 -24.96 11.33
N TYR A 158 30.26 -24.15 10.32
CA TYR A 158 29.13 -23.24 10.39
C TYR A 158 27.84 -23.84 9.85
N ARG A 159 26.80 -23.82 10.68
CA ARG A 159 25.52 -24.40 10.33
C ARG A 159 24.91 -23.80 9.07
N ALA A 160 25.01 -22.48 8.92
CA ALA A 160 24.49 -21.80 7.73
C ALA A 160 24.84 -22.52 6.43
N ASN A 161 26.07 -23.05 6.35
CA ASN A 161 26.53 -23.71 5.14
C ASN A 161 25.86 -25.06 4.90
N TRP A 162 25.36 -25.68 5.96
CA TRP A 162 24.57 -26.91 5.84
C TRP A 162 23.18 -26.57 5.28
N THR A 163 22.48 -25.67 5.96
CA THR A 163 21.19 -25.17 5.50
C THR A 163 21.25 -24.69 4.05
N SER A 164 22.27 -23.90 3.76
CA SER A 164 22.58 -23.44 2.41
C SER A 164 22.62 -24.59 1.39
N LEU A 165 23.36 -25.64 1.73
CA LEU A 165 23.49 -26.80 0.85
C LEU A 165 22.17 -27.53 0.69
N ALA A 166 21.53 -27.82 1.82
CA ALA A 166 20.22 -28.50 1.83
C ALA A 166 19.24 -27.80 0.92
N VAL A 167 19.22 -26.46 1.00
CA VAL A 167 18.37 -25.64 0.15
C VAL A 167 18.66 -25.82 -1.34
N ALA A 168 19.94 -25.83 -1.71
CA ALA A 168 20.34 -25.97 -3.11
C ALA A 168 19.94 -27.32 -3.66
N GLN A 169 19.98 -28.35 -2.82
CA GLN A 169 19.55 -29.69 -3.19
C GLN A 169 18.03 -29.68 -3.42
N ASP A 170 17.30 -29.15 -2.44
CA ASP A 170 15.84 -28.98 -2.54
C ASP A 170 15.41 -28.36 -3.87
N VAL A 171 16.04 -27.26 -4.27
CA VAL A 171 15.67 -26.57 -5.50
C VAL A 171 16.02 -27.40 -6.77
N ASN A 172 17.02 -28.27 -6.67
CA ASN A 172 17.38 -29.17 -7.77
C ASN A 172 16.64 -30.52 -7.65
N GLY A 173 15.47 -30.54 -7.01
CA GLY A 173 14.66 -31.75 -6.95
C GLY A 173 15.14 -32.87 -6.04
N GLU A 174 16.37 -32.75 -5.51
CA GLU A 174 16.93 -33.77 -4.62
C GLU A 174 16.40 -33.58 -3.20
N ARG A 175 15.13 -33.92 -3.01
CA ARG A 175 14.48 -33.77 -1.72
C ARG A 175 15.07 -34.69 -0.65
N GLN A 176 15.37 -35.92 -1.03
CA GLN A 176 15.89 -36.90 -0.09
C GLN A 176 17.33 -36.57 0.31
N GLN A 177 18.14 -36.14 -0.65
CA GLN A 177 19.51 -35.69 -0.37
C GLN A 177 19.47 -34.47 0.55
N ALA A 178 18.54 -33.54 0.27
CA ALA A 178 18.37 -32.37 1.10
C ALA A 178 18.06 -32.73 2.54
N ILE A 179 17.09 -33.62 2.74
CA ILE A 179 16.70 -34.07 4.08
C ILE A 179 17.89 -34.69 4.82
N ASN A 180 18.64 -35.53 4.12
CA ASN A 180 19.81 -36.19 4.69
C ASN A 180 20.85 -35.19 5.19
N THR A 181 21.05 -34.12 4.43
CA THR A 181 21.99 -33.08 4.84
C THR A 181 21.56 -32.43 6.15
N LEU A 182 20.26 -32.13 6.24
CA LEU A 182 19.72 -31.51 7.45
C LEU A 182 19.84 -32.41 8.66
N SER A 183 19.51 -33.69 8.47
CA SER A 183 19.50 -34.66 9.55
C SER A 183 20.92 -34.94 10.05
N GLN A 184 21.91 -34.82 9.17
CA GLN A 184 23.31 -35.03 9.54
C GLN A 184 23.85 -33.95 10.50
N PHE A 185 23.46 -32.70 10.28
CA PHE A 185 23.82 -31.63 11.22
C PHE A 185 23.10 -31.83 12.54
N GLU A 186 21.81 -32.14 12.47
CA GLU A 186 21.03 -32.48 13.67
C GLU A 186 21.72 -33.52 14.54
N LYS A 187 22.21 -34.59 13.91
CA LYS A 187 22.90 -35.65 14.64
C LYS A 187 24.20 -35.14 15.25
N LEU A 188 25.00 -34.43 14.45
CA LEU A 188 26.26 -33.87 14.93
C LEU A 188 26.08 -32.92 16.12
N ALA A 189 24.95 -32.22 16.16
CA ALA A 189 24.66 -31.28 17.23
C ALA A 189 23.37 -31.67 17.95
N GLU A 190 23.35 -32.89 18.50
CA GLU A 190 22.15 -33.39 19.19
C GLU A 190 21.86 -32.58 20.45
N GLY A 191 22.85 -32.50 21.34
CA GLY A 191 22.75 -31.69 22.55
C GLY A 191 23.84 -30.65 22.58
N LYS A 192 23.99 -29.89 21.50
CA LYS A 192 25.02 -28.86 21.41
C LYS A 192 24.47 -27.47 21.06
N ILE A 193 23.14 -27.31 20.99
CA ILE A 193 22.57 -26.04 20.57
C ILE A 193 22.37 -25.05 21.73
N SER A 194 23.13 -23.97 21.70
CA SER A 194 23.01 -22.91 22.69
C SER A 194 21.68 -22.17 22.51
N ASP A 195 21.42 -21.22 23.40
CA ASP A 195 20.16 -20.48 23.37
C ASP A 195 20.11 -19.48 22.21
N SER A 196 21.26 -18.94 21.83
CA SER A 196 21.36 -18.07 20.65
C SER A 196 21.23 -18.85 19.33
N GLU A 197 21.27 -20.17 19.39
CA GLU A 197 21.11 -21.02 18.22
C GLU A 197 19.72 -21.70 18.17
N LYS A 198 18.93 -21.55 19.23
CA LYS A 198 17.64 -22.26 19.33
C LYS A 198 16.63 -21.88 18.24
N TYR A 199 16.56 -20.60 17.85
CA TYR A 199 15.62 -20.16 16.80
C TYR A 199 15.95 -20.73 15.42
N GLU A 200 17.21 -20.57 15.03
CA GLU A 200 17.73 -21.13 13.80
C GLU A 200 17.46 -22.62 13.75
N HIS A 201 17.68 -23.30 14.87
CA HIS A 201 17.41 -24.73 14.96
C HIS A 201 15.93 -24.99 14.72
N SER A 202 15.08 -24.23 15.40
CA SER A 202 13.63 -24.37 15.23
C SER A 202 13.20 -24.30 13.76
N GLU A 203 13.73 -23.30 13.04
CA GLU A 203 13.33 -23.05 11.66
C GLU A 203 13.84 -24.13 10.72
N CYS A 204 15.00 -24.70 11.03
CA CYS A 204 15.57 -25.78 10.22
C CYS A 204 14.82 -27.10 10.42
N LEU A 205 14.26 -27.31 11.60
CA LEU A 205 13.42 -28.48 11.84
C LEU A 205 12.18 -28.46 10.97
N MET A 206 11.42 -27.36 11.05
CA MET A 206 10.20 -27.22 10.25
C MET A 206 10.48 -27.24 8.75
N TYR A 207 11.63 -26.74 8.34
CA TYR A 207 12.02 -26.80 6.93
C TYR A 207 12.22 -28.26 6.51
N LYS A 208 12.83 -29.07 7.38
CA LYS A 208 12.97 -30.49 7.08
C LYS A 208 11.61 -31.16 7.01
N ASN A 209 10.70 -30.76 7.89
CA ASN A 209 9.33 -31.25 7.83
C ASN A 209 8.67 -30.84 6.52
N ASP A 210 8.89 -29.60 6.11
CA ASP A 210 8.41 -29.11 4.82
C ASP A 210 8.81 -30.02 3.66
N ILE A 211 10.09 -30.40 3.63
CA ILE A 211 10.61 -31.19 2.51
C ILE A 211 9.98 -32.58 2.50
N MET A 212 9.91 -33.20 3.68
CA MET A 212 9.25 -34.49 3.83
C MET A 212 7.79 -34.42 3.35
N TYR A 213 7.08 -33.40 3.82
CA TYR A 213 5.67 -33.22 3.48
C TYR A 213 5.43 -33.28 1.97
N LYS A 214 6.25 -32.55 1.20
CA LYS A 214 6.14 -32.53 -0.27
C LYS A 214 6.21 -33.94 -0.87
N ALA A 215 7.24 -34.67 -0.47
CA ALA A 215 7.51 -36.01 -1.01
C ALA A 215 6.38 -36.99 -0.73
N ALA A 216 5.73 -36.86 0.42
CA ALA A 216 4.62 -37.72 0.82
C ALA A 216 3.42 -37.63 -0.11
N SER A 217 3.18 -36.44 -0.67
CA SER A 217 2.03 -36.20 -1.54
C SER A 217 0.73 -36.65 -0.86
N ASP A 218 0.09 -37.71 -1.38
CA ASP A 218 -1.12 -38.27 -0.77
C ASP A 218 -0.91 -39.66 -0.17
N ASN A 219 0.34 -40.12 -0.14
CA ASN A 219 0.72 -41.43 0.40
C ASN A 219 0.49 -41.56 1.91
N GLN A 220 -0.39 -42.48 2.31
CA GLN A 220 -0.84 -42.61 3.71
C GLN A 220 0.27 -43.03 4.67
N ASP A 221 1.08 -43.99 4.27
CA ASP A 221 2.19 -44.45 5.10
C ASP A 221 3.15 -43.31 5.38
N LYS A 222 3.58 -42.64 4.30
CA LYS A 222 4.51 -41.53 4.40
C LYS A 222 3.96 -40.35 5.22
N LEU A 223 2.74 -39.94 4.91
CA LEU A 223 2.07 -38.88 5.68
C LEU A 223 2.03 -39.20 7.17
N GLN A 224 1.95 -40.48 7.51
CA GLN A 224 1.99 -40.91 8.90
C GLN A 224 3.37 -40.67 9.52
N ASN A 225 4.42 -40.88 8.72
CA ASN A 225 5.78 -40.58 9.14
C ASN A 225 6.03 -39.07 9.25
N VAL A 226 5.46 -38.30 8.34
CA VAL A 226 5.56 -36.84 8.40
C VAL A 226 4.89 -36.33 9.67
N LEU A 227 3.74 -36.91 10.00
CA LEU A 227 3.05 -36.61 11.24
C LEU A 227 3.91 -36.99 12.44
N LYS A 228 4.49 -38.18 12.40
CA LYS A 228 5.39 -38.65 13.44
C LYS A 228 6.48 -37.61 13.70
N HIS A 229 7.11 -37.16 12.62
CA HIS A 229 8.21 -36.20 12.70
C HIS A 229 7.77 -34.87 13.34
N LEU A 230 6.58 -34.40 12.98
CA LEU A 230 6.06 -33.14 13.51
C LEU A 230 5.91 -33.17 15.04
N ASN A 231 5.54 -34.32 15.58
CA ASN A 231 5.31 -34.48 17.03
C ASN A 231 6.58 -34.44 17.87
N ASP A 232 7.67 -34.99 17.34
CA ASP A 232 8.95 -35.03 18.05
C ASP A 232 9.58 -33.65 18.16
N ILE A 233 9.38 -32.81 17.15
CA ILE A 233 10.03 -31.50 17.10
C ILE A 233 9.28 -30.43 17.89
N GLU A 234 7.99 -30.64 18.13
CA GLU A 234 7.09 -29.60 18.69
C GLU A 234 7.69 -28.75 19.82
N PRO A 235 8.31 -29.39 20.83
CA PRO A 235 8.86 -28.58 21.94
C PRO A 235 10.15 -27.82 21.60
N CYS A 236 10.70 -28.04 20.41
CA CYS A 236 11.86 -27.27 19.94
C CYS A 236 11.54 -26.32 18.78
N VAL A 237 10.30 -26.35 18.32
CA VAL A 237 9.85 -25.48 17.23
C VAL A 237 9.06 -24.32 17.82
N PHE A 238 9.47 -23.09 17.51
CA PHE A 238 8.79 -21.90 18.03
C PHE A 238 7.68 -21.36 17.10
N ASP A 239 7.68 -21.77 15.84
CA ASP A 239 6.61 -21.40 14.91
C ASP A 239 5.37 -22.28 15.15
N LYS A 240 4.68 -22.05 16.26
CA LYS A 240 3.52 -22.87 16.67
C LYS A 240 2.43 -22.84 15.61
N PHE A 241 2.05 -21.63 15.19
CA PHE A 241 1.08 -21.42 14.11
C PHE A 241 1.43 -22.25 12.88
N GLY A 242 2.71 -22.24 12.52
CA GLY A 242 3.19 -22.99 11.37
C GLY A 242 3.11 -24.48 11.60
N LEU A 243 3.49 -24.89 12.79
CA LEU A 243 3.41 -26.29 13.17
C LEU A 243 1.96 -26.77 13.11
N LEU A 244 1.06 -25.97 13.67
CA LEU A 244 -0.34 -26.37 13.78
C LEU A 244 -1.06 -26.39 12.43
N GLU A 245 -0.75 -25.44 11.56
CA GLU A 245 -1.35 -25.40 10.22
C GLU A 245 -0.96 -26.62 9.40
N ARG A 246 0.30 -27.03 9.54
CA ARG A 246 0.83 -28.23 8.88
C ARG A 246 0.10 -29.48 9.37
N LYS A 247 0.04 -29.64 10.70
CA LYS A 247 -0.66 -30.73 11.36
C LYS A 247 -2.10 -30.93 10.84
N ALA A 248 -2.84 -29.82 10.74
CA ALA A 248 -4.24 -29.88 10.31
C ALA A 248 -4.38 -30.36 8.86
N THR A 249 -3.44 -29.98 8.01
CA THR A 249 -3.45 -30.41 6.62
C THR A 249 -3.08 -31.89 6.50
N ILE A 250 -2.23 -32.38 7.40
CA ILE A 250 -1.85 -33.78 7.43
C ILE A 250 -3.08 -34.65 7.75
N TYR A 251 -3.66 -34.43 8.92
CA TYR A 251 -4.83 -35.19 9.36
C TYR A 251 -5.88 -35.26 8.25
N MET A 252 -6.13 -34.13 7.59
CA MET A 252 -7.07 -34.09 6.47
C MET A 252 -6.64 -35.01 5.33
N LYS A 253 -5.34 -35.00 5.00
CA LYS A 253 -4.81 -35.88 3.96
C LYS A 253 -4.86 -37.36 4.37
N LEU A 254 -4.68 -37.62 5.67
CA LEU A 254 -4.82 -38.98 6.20
C LEU A 254 -6.26 -39.49 6.19
N GLY A 255 -7.22 -38.56 6.17
CA GLY A 255 -8.63 -38.89 6.23
C GLY A 255 -9.17 -38.86 7.65
N GLN A 256 -8.33 -38.42 8.61
CA GLN A 256 -8.72 -38.31 10.02
C GLN A 256 -9.40 -36.97 10.29
N LEU A 257 -10.44 -36.66 9.51
CA LEU A 257 -11.09 -35.35 9.50
C LEU A 257 -11.49 -34.84 10.88
N LYS A 258 -11.94 -35.75 11.76
CA LYS A 258 -12.34 -35.37 13.11
C LYS A 258 -11.13 -34.94 13.92
N ASP A 259 -10.01 -35.64 13.75
CA ASP A 259 -8.79 -35.30 14.48
C ASP A 259 -8.11 -34.05 13.88
N ALA A 260 -8.58 -33.61 12.71
CA ALA A 260 -8.20 -32.32 12.13
C ALA A 260 -9.06 -31.18 12.67
N SER A 261 -10.33 -31.46 12.96
CA SER A 261 -11.23 -30.47 13.55
C SER A 261 -10.74 -29.96 14.89
N ILE A 262 -10.21 -30.87 15.71
CA ILE A 262 -9.60 -30.49 16.99
C ILE A 262 -8.46 -29.49 16.77
N VAL A 263 -7.73 -29.62 15.66
CA VAL A 263 -6.61 -28.72 15.37
C VAL A 263 -7.10 -27.36 14.87
N TYR A 264 -8.01 -27.36 13.91
CA TYR A 264 -8.61 -26.12 13.40
C TYR A 264 -9.30 -25.30 14.49
N ARG A 265 -9.75 -25.96 15.55
CA ARG A 265 -10.36 -25.27 16.70
C ARG A 265 -9.34 -24.66 17.65
N THR A 266 -8.10 -25.17 17.62
CA THR A 266 -7.00 -24.57 18.36
C THR A 266 -6.46 -23.32 17.64
N LEU A 267 -6.46 -23.39 16.30
CA LEU A 267 -6.00 -22.29 15.45
C LEU A 267 -6.96 -21.11 15.49
N ILE A 268 -8.25 -21.40 15.59
CA ILE A 268 -9.27 -20.37 15.77
C ILE A 268 -9.15 -19.72 17.15
N LYS A 269 -8.78 -20.50 18.16
CA LYS A 269 -8.63 -19.95 19.51
C LYS A 269 -7.38 -19.08 19.64
N ARG A 270 -6.41 -19.27 18.73
CA ARG A 270 -5.19 -18.47 18.70
C ARG A 270 -5.32 -17.22 17.85
N ASN A 271 -6.28 -17.25 16.92
CA ASN A 271 -6.58 -16.09 16.09
C ASN A 271 -8.00 -16.21 15.57
N PRO A 272 -8.99 -15.84 16.42
CA PRO A 272 -10.39 -16.00 16.04
C PRO A 272 -10.89 -15.02 14.98
N ASP A 273 -9.99 -14.23 14.39
CA ASP A 273 -10.33 -13.31 13.29
C ASP A 273 -9.85 -13.82 11.93
N ASN A 274 -9.41 -15.07 11.85
CA ASN A 274 -9.00 -15.66 10.56
C ASN A 274 -10.12 -16.49 9.93
N PHE A 275 -10.82 -15.86 8.98
CA PHE A 275 -11.91 -16.52 8.23
C PHE A 275 -11.49 -17.86 7.62
N LYS A 276 -10.24 -17.98 7.22
CA LYS A 276 -9.76 -19.20 6.56
C LYS A 276 -9.87 -20.42 7.48
N TYR A 277 -9.55 -20.26 8.76
CA TYR A 277 -9.64 -21.37 9.72
C TYR A 277 -11.09 -21.84 9.91
N TYR A 278 -12.04 -20.92 9.85
CA TYR A 278 -13.46 -21.25 9.99
C TYR A 278 -13.97 -22.05 8.79
N LYS A 279 -13.63 -21.60 7.58
CA LYS A 279 -14.05 -22.27 6.35
C LYS A 279 -13.50 -23.70 6.24
N LEU A 280 -12.31 -23.93 6.80
CA LEU A 280 -11.69 -25.26 6.80
C LEU A 280 -12.34 -26.18 7.83
N LEU A 281 -12.79 -25.63 8.94
CA LEU A 281 -13.47 -26.41 9.97
C LEU A 281 -14.81 -26.97 9.45
N GLU A 282 -15.49 -26.21 8.59
CA GLU A 282 -16.71 -26.66 7.91
C GLU A 282 -16.48 -27.95 7.12
N VAL A 283 -15.30 -28.08 6.52
CA VAL A 283 -14.93 -29.27 5.78
C VAL A 283 -14.44 -30.34 6.75
N SER A 284 -13.80 -29.90 7.83
CA SER A 284 -13.28 -30.81 8.84
C SER A 284 -14.36 -31.63 9.55
N LEU A 285 -15.49 -30.99 9.85
CA LEU A 285 -16.61 -31.67 10.49
C LEU A 285 -17.64 -32.18 9.49
N GLY A 286 -17.36 -31.98 8.20
CA GLY A 286 -18.20 -32.48 7.12
C GLY A 286 -19.61 -31.93 7.12
N ILE A 287 -19.78 -30.72 7.65
CA ILE A 287 -21.09 -30.05 7.66
C ILE A 287 -21.20 -29.01 6.55
N GLN A 288 -20.15 -28.91 5.73
CA GLN A 288 -20.11 -28.01 4.59
C GLN A 288 -21.40 -28.00 3.75
N GLY A 289 -22.02 -29.18 3.61
CA GLY A 289 -23.25 -29.33 2.83
C GLY A 289 -24.42 -28.50 3.33
N ASP A 290 -25.10 -28.98 4.38
CA ASP A 290 -26.36 -28.38 4.80
C ASP A 290 -26.19 -27.20 5.76
N ASN A 291 -26.96 -26.15 5.52
CA ASN A 291 -26.86 -24.90 6.27
C ASN A 291 -27.40 -24.99 7.69
N LYS A 292 -28.20 -26.01 7.97
CA LYS A 292 -28.76 -26.23 9.30
C LYS A 292 -27.67 -26.53 10.31
N LEU A 293 -26.72 -27.37 9.90
CA LEU A 293 -25.60 -27.74 10.77
C LEU A 293 -24.59 -26.59 10.89
N LYS A 294 -24.43 -25.82 9.82
CA LYS A 294 -23.48 -24.70 9.80
C LYS A 294 -23.89 -23.60 10.78
N LYS A 295 -25.15 -23.17 10.71
CA LYS A 295 -25.66 -22.12 11.60
C LYS A 295 -25.68 -22.53 13.08
N ALA A 296 -25.81 -23.84 13.33
CA ALA A 296 -25.75 -24.38 14.69
C ALA A 296 -24.35 -24.22 15.27
N LEU A 297 -23.35 -24.39 14.41
CA LEU A 297 -21.94 -24.28 14.81
C LEU A 297 -21.55 -22.85 15.13
N TYR A 298 -21.76 -21.96 14.16
CA TYR A 298 -21.35 -20.55 14.27
C TYR A 298 -22.03 -19.82 15.42
N GLY A 299 -23.27 -20.19 15.72
CA GLY A 299 -23.96 -19.70 16.90
C GLY A 299 -23.28 -20.16 18.18
N LYS A 300 -22.76 -21.39 18.17
CA LYS A 300 -22.00 -21.90 19.31
C LYS A 300 -20.65 -21.21 19.41
N LEU A 301 -20.05 -20.91 18.26
CA LEU A 301 -18.80 -20.15 18.19
C LEU A 301 -18.98 -18.71 18.62
N GLU A 302 -20.07 -18.10 18.17
CA GLU A 302 -20.46 -16.75 18.56
C GLU A 302 -20.33 -16.52 20.07
N GLN A 303 -20.69 -17.54 20.84
CA GLN A 303 -20.64 -17.44 22.30
C GLN A 303 -19.20 -17.33 22.80
N PHE A 304 -18.26 -17.98 22.11
CA PHE A 304 -16.86 -17.99 22.51
C PHE A 304 -16.18 -16.69 22.07
N TYR A 305 -16.45 -16.30 20.83
CA TYR A 305 -15.82 -15.14 20.21
C TYR A 305 -16.89 -14.14 19.76
N PRO A 306 -17.43 -13.36 20.73
CA PRO A 306 -18.54 -12.44 20.44
C PRO A 306 -18.14 -11.21 19.63
N ARG A 307 -16.88 -10.79 19.79
CA ARG A 307 -16.37 -9.58 19.14
C ARG A 307 -15.74 -9.87 17.77
N CYS A 308 -15.59 -11.13 17.42
CA CYS A 308 -14.96 -11.52 16.15
C CYS A 308 -15.97 -11.51 15.01
N GLU A 309 -15.44 -11.52 13.80
CA GLU A 309 -16.24 -11.29 12.59
C GLU A 309 -16.86 -12.54 11.96
N PRO A 310 -16.08 -13.62 11.79
CA PRO A 310 -16.62 -14.80 11.08
C PRO A 310 -17.88 -15.44 11.69
N PRO A 311 -17.92 -15.62 13.03
CA PRO A 311 -19.13 -16.17 13.65
C PRO A 311 -20.42 -15.51 13.17
N LYS A 312 -20.43 -14.19 13.13
CA LYS A 312 -21.63 -13.43 12.81
C LYS A 312 -21.78 -13.13 11.31
N PHE A 313 -20.68 -13.14 10.57
CA PHE A 313 -20.73 -12.81 9.15
C PHE A 313 -21.00 -14.03 8.26
N ILE A 314 -20.38 -15.17 8.57
CA ILE A 314 -20.46 -16.34 7.69
C ILE A 314 -21.90 -16.82 7.45
N PRO A 315 -22.74 -16.90 8.51
CA PRO A 315 -24.14 -17.23 8.32
C PRO A 315 -24.82 -16.47 7.18
N LEU A 316 -24.56 -15.17 7.09
CA LEU A 316 -25.20 -14.30 6.12
C LEU A 316 -25.02 -14.76 4.67
N THR A 317 -23.92 -15.46 4.38
CA THR A 317 -23.58 -15.85 3.01
C THR A 317 -24.52 -16.87 2.35
N PHE A 318 -25.18 -17.71 3.16
CA PHE A 318 -25.96 -18.84 2.62
C PHE A 318 -27.46 -18.83 2.91
N LEU A 319 -27.91 -18.08 3.92
CA LEU A 319 -29.30 -18.16 4.37
C LEU A 319 -30.28 -17.49 3.39
N GLN A 320 -31.46 -18.10 3.25
CA GLN A 320 -32.58 -17.50 2.50
C GLN A 320 -33.87 -17.32 3.34
N ASP A 321 -33.90 -17.94 4.52
CA ASP A 321 -35.07 -17.84 5.43
C ASP A 321 -35.20 -16.45 6.05
N LYS A 322 -35.99 -15.60 5.38
CA LYS A 322 -36.16 -14.18 5.75
C LYS A 322 -36.16 -13.90 7.26
N GLU A 323 -37.18 -14.38 7.95
CA GLU A 323 -37.35 -14.11 9.39
C GLU A 323 -36.11 -14.50 10.20
N GLU A 324 -35.41 -15.54 9.76
CA GLU A 324 -34.21 -16.02 10.45
C GLU A 324 -33.00 -15.11 10.21
N LEU A 325 -32.76 -14.75 8.95
CA LEU A 325 -31.58 -13.93 8.60
C LEU A 325 -31.76 -12.47 8.97
N SER A 326 -32.93 -11.90 8.68
CA SER A 326 -33.21 -10.50 8.99
C SER A 326 -33.14 -10.20 10.48
N LYS A 327 -33.30 -11.22 11.31
CA LYS A 327 -32.96 -11.13 12.73
C LYS A 327 -31.46 -10.88 12.88
N LYS A 328 -30.66 -11.67 12.17
CA LYS A 328 -29.19 -11.60 12.26
C LYS A 328 -28.56 -10.39 11.57
N LEU A 329 -28.93 -10.13 10.31
CA LEU A 329 -28.43 -8.95 9.61
C LEU A 329 -28.58 -7.72 10.48
N ARG A 330 -29.79 -7.56 11.02
CA ARG A 330 -30.09 -6.51 11.99
C ARG A 330 -29.23 -6.65 13.25
N GLU A 331 -29.08 -7.89 13.73
CA GLU A 331 -28.24 -8.17 14.91
C GLU A 331 -26.75 -7.93 14.66
N TYR A 332 -26.34 -7.91 13.38
CA TYR A 332 -24.94 -7.71 12.99
C TYR A 332 -24.60 -6.24 12.71
N VAL A 333 -25.42 -5.59 11.89
CA VAL A 333 -25.12 -4.23 11.41
C VAL A 333 -25.46 -3.11 12.39
N LEU A 334 -26.46 -3.30 13.24
CA LEU A 334 -26.90 -2.23 14.17
C LEU A 334 -25.91 -1.89 15.28
N PRO A 335 -25.39 -2.90 16.00
CA PRO A 335 -24.44 -2.60 17.09
C PRO A 335 -23.11 -2.02 16.59
N GLN A 336 -22.86 -2.14 15.28
CA GLN A 336 -21.74 -1.47 14.66
C GLN A 336 -22.07 0.00 14.43
N LEU A 337 -23.27 0.26 13.91
CA LEU A 337 -23.76 1.63 13.73
C LEU A 337 -23.99 2.31 15.09
N GLU A 338 -24.30 1.50 16.11
CA GLU A 338 -24.43 1.99 17.48
C GLU A 338 -23.10 2.58 17.94
N ARG A 339 -22.03 1.81 17.80
CA ARG A 339 -20.69 2.26 18.17
C ARG A 339 -20.08 3.21 17.14
N GLY A 340 -20.64 3.22 15.94
CA GLY A 340 -20.27 4.20 14.91
C GLY A 340 -19.02 3.82 14.15
N VAL A 341 -18.96 2.59 13.65
CA VAL A 341 -17.80 2.15 12.89
C VAL A 341 -17.96 2.56 11.42
N PRO A 342 -16.96 3.25 10.87
CA PRO A 342 -17.04 3.73 9.48
C PRO A 342 -17.22 2.62 8.43
N ALA A 343 -16.51 1.51 8.60
CA ALA A 343 -16.47 0.47 7.59
C ALA A 343 -17.72 -0.44 7.54
N THR A 344 -18.73 -0.17 8.36
CA THR A 344 -19.93 -1.03 8.43
C THR A 344 -20.45 -1.46 7.05
N PHE A 345 -20.69 -0.50 6.17
CA PHE A 345 -21.15 -0.84 4.83
C PHE A 345 -20.12 -1.69 4.10
N SER A 346 -18.84 -1.30 4.20
CA SER A 346 -17.75 -2.04 3.55
C SER A 346 -17.68 -3.49 4.03
N ASN A 347 -18.06 -3.73 5.28
CA ASN A 347 -18.12 -5.08 5.81
C ASN A 347 -19.17 -5.97 5.15
N VAL A 348 -20.27 -5.37 4.67
CA VAL A 348 -21.34 -6.14 4.02
C VAL A 348 -21.41 -5.94 2.50
N LYS A 349 -20.52 -5.13 1.93
CA LYS A 349 -20.50 -4.89 0.48
C LYS A 349 -20.44 -6.18 -0.34
N PRO A 350 -19.72 -7.21 0.14
CA PRO A 350 -19.82 -8.50 -0.56
C PRO A 350 -21.27 -9.01 -0.68
N LEU A 351 -21.98 -9.08 0.45
CA LEU A 351 -23.38 -9.53 0.45
C LEU A 351 -24.19 -8.79 -0.61
N TYR A 352 -23.94 -7.50 -0.73
CA TYR A 352 -24.53 -6.69 -1.80
C TYR A 352 -24.02 -7.20 -3.15
N GLN A 353 -22.71 -7.21 -3.32
CA GLN A 353 -22.08 -7.61 -4.60
C GLN A 353 -22.47 -9.02 -5.07
N ARG A 354 -22.43 -9.97 -4.16
CA ARG A 354 -22.72 -11.37 -4.48
C ARG A 354 -24.22 -11.65 -4.56
N ARG A 355 -25.01 -10.97 -3.73
CA ARG A 355 -26.45 -11.22 -3.64
C ARG A 355 -27.25 -9.92 -3.68
N LYS A 356 -27.15 -9.20 -4.81
CA LYS A 356 -27.86 -7.94 -5.02
C LYS A 356 -29.38 -8.07 -4.90
N SER A 357 -29.92 -9.11 -5.54
CA SER A 357 -31.36 -9.37 -5.55
C SER A 357 -31.92 -9.63 -4.15
N LYS A 358 -31.18 -10.39 -3.36
CA LYS A 358 -31.71 -10.95 -2.10
C LYS A 358 -31.55 -10.03 -0.89
N VAL A 359 -30.50 -9.20 -0.87
CA VAL A 359 -30.10 -8.47 0.34
C VAL A 359 -30.32 -6.95 0.31
N SER A 360 -30.06 -6.32 -0.84
CA SER A 360 -30.05 -4.86 -0.91
C SER A 360 -31.39 -4.15 -0.72
N PRO A 361 -32.52 -4.77 -1.15
CA PRO A 361 -33.81 -4.18 -0.80
C PRO A 361 -34.32 -4.56 0.59
N LEU A 362 -33.56 -5.39 1.33
CA LEU A 362 -33.94 -5.82 2.68
C LEU A 362 -33.20 -5.02 3.75
N LEU A 363 -31.89 -4.88 3.60
CA LEU A 363 -31.10 -4.06 4.52
C LEU A 363 -31.55 -2.60 4.45
N GLU A 364 -31.82 -2.12 3.24
CA GLU A 364 -32.31 -0.76 3.03
C GLU A 364 -33.33 -0.38 4.09
N LYS A 365 -34.35 -1.23 4.24
CA LYS A 365 -35.44 -0.95 5.16
C LYS A 365 -35.01 -1.17 6.61
N ILE A 366 -34.19 -2.18 6.84
CA ILE A 366 -33.82 -2.59 8.20
C ILE A 366 -32.94 -1.57 8.93
N VAL A 367 -32.29 -0.68 8.18
CA VAL A 367 -31.54 0.45 8.78
C VAL A 367 -32.28 1.78 8.63
N LEU A 368 -33.07 1.93 7.57
CA LEU A 368 -33.81 3.17 7.34
C LEU A 368 -34.84 3.40 8.44
N ASP A 369 -35.41 2.31 8.95
CA ASP A 369 -36.36 2.38 10.06
C ASP A 369 -35.66 2.52 11.41
N TYR A 370 -34.43 2.02 11.51
CA TYR A 370 -33.59 2.24 12.70
C TYR A 370 -33.22 3.71 12.82
N LEU A 371 -32.80 4.30 11.71
CA LEU A 371 -32.53 5.73 11.60
C LEU A 371 -33.73 6.55 12.09
N SER A 372 -34.92 6.11 11.70
CA SER A 372 -36.16 6.80 12.07
C SER A 372 -36.38 6.89 13.59
N GLY A 373 -35.81 5.97 14.35
CA GLY A 373 -35.89 6.01 15.81
C GLY A 373 -34.72 6.70 16.52
N LEU A 374 -33.89 7.42 15.75
CA LEU A 374 -32.69 8.06 16.30
C LEU A 374 -32.82 9.59 16.37
N ASP A 375 -32.63 10.15 17.56
CA ASP A 375 -32.65 11.59 17.77
C ASP A 375 -31.23 12.15 17.60
N PRO A 376 -31.08 13.20 16.76
CA PRO A 376 -29.75 13.73 16.49
C PRO A 376 -29.01 14.35 17.68
N THR A 377 -29.71 14.97 18.62
CA THR A 377 -29.06 15.56 19.79
C THR A 377 -28.74 14.53 20.86
N GLN A 378 -29.67 13.63 21.10
CA GLN A 378 -29.53 12.61 22.15
C GLN A 378 -28.73 11.39 21.68
N ASP A 379 -28.82 11.06 20.40
CA ASP A 379 -28.09 9.92 19.81
C ASP A 379 -27.24 10.36 18.61
N PRO A 380 -26.20 11.19 18.84
CA PRO A 380 -25.44 11.77 17.71
C PRO A 380 -24.57 10.76 16.96
N ILE A 381 -23.76 9.99 17.69
CA ILE A 381 -22.86 9.03 17.08
C ILE A 381 -23.63 8.08 16.16
N PRO A 382 -24.69 7.43 16.65
CA PRO A 382 -25.44 6.52 15.79
C PRO A 382 -26.15 7.21 14.63
N PHE A 383 -26.62 8.43 14.84
CA PHE A 383 -27.30 9.20 13.79
C PHE A 383 -26.37 9.43 12.58
N ILE A 384 -25.22 10.05 12.83
CA ILE A 384 -24.33 10.46 11.75
C ILE A 384 -23.76 9.27 10.98
N TRP A 385 -23.45 8.19 11.68
CA TRP A 385 -22.89 7.00 11.04
C TRP A 385 -23.97 6.14 10.35
N THR A 386 -25.19 6.19 10.86
CA THR A 386 -26.32 5.57 10.17
C THR A 386 -26.61 6.31 8.86
N ASN A 387 -26.42 7.63 8.87
CA ASN A 387 -26.46 8.42 7.63
C ASN A 387 -25.32 8.04 6.68
N TYR A 388 -24.14 7.80 7.25
CA TYR A 388 -22.96 7.38 6.49
C TYR A 388 -23.20 6.08 5.74
N TYR A 389 -23.84 5.12 6.41
CA TYR A 389 -24.16 3.83 5.78
C TYR A 389 -25.11 4.04 4.60
N LEU A 390 -26.23 4.68 4.87
CA LEU A 390 -27.27 4.87 3.85
C LEU A 390 -26.76 5.64 2.64
N SER A 391 -25.83 6.57 2.85
CA SER A 391 -25.20 7.27 1.74
C SER A 391 -24.43 6.30 0.84
N GLN A 392 -23.68 5.40 1.45
CA GLN A 392 -22.95 4.37 0.70
C GLN A 392 -23.93 3.39 0.05
N HIS A 393 -25.00 3.08 0.77
CA HIS A 393 -26.06 2.18 0.30
C HIS A 393 -26.61 2.67 -1.05
N PHE A 394 -27.16 3.88 -1.07
CA PHE A 394 -27.72 4.43 -2.30
C PHE A 394 -26.66 4.83 -3.34
N LEU A 395 -25.43 5.10 -2.89
CA LEU A 395 -24.30 5.27 -3.81
C LEU A 395 -24.07 3.98 -4.60
N PHE A 396 -24.20 2.84 -3.92
CA PHE A 396 -24.02 1.54 -4.56
C PHE A 396 -25.12 1.25 -5.58
N LEU A 397 -26.35 1.63 -5.26
CA LEU A 397 -27.50 1.38 -6.12
C LEU A 397 -27.66 2.41 -7.24
N LYS A 398 -26.64 3.26 -7.42
CA LYS A 398 -26.63 4.31 -8.45
C LYS A 398 -27.75 5.35 -8.29
N ASP A 399 -28.19 5.59 -7.05
CA ASP A 399 -29.20 6.60 -6.74
C ASP A 399 -28.48 7.83 -6.18
N PHE A 400 -27.82 8.57 -7.07
CA PHE A 400 -26.84 9.58 -6.67
C PHE A 400 -27.40 10.77 -5.88
N PRO A 401 -28.62 11.23 -6.21
CA PRO A 401 -29.24 12.25 -5.34
C PRO A 401 -29.48 11.75 -3.91
N LYS A 402 -30.00 10.52 -3.77
CA LYS A 402 -30.20 9.91 -2.46
C LYS A 402 -28.90 9.80 -1.66
N ALA A 403 -27.82 9.44 -2.35
CA ALA A 403 -26.50 9.32 -1.72
C ALA A 403 -26.06 10.66 -1.15
N GLN A 404 -26.07 11.68 -1.99
CA GLN A 404 -25.71 13.04 -1.58
C GLN A 404 -26.59 13.52 -0.42
N GLU A 405 -27.87 13.19 -0.46
CA GLU A 405 -28.84 13.65 0.54
C GLU A 405 -28.37 13.29 1.95
N TYR A 406 -28.11 12.01 2.17
CA TYR A 406 -27.79 11.50 3.50
C TYR A 406 -26.43 12.00 3.98
N ILE A 407 -25.42 11.98 3.10
CA ILE A 407 -24.09 12.42 3.48
C ILE A 407 -24.05 13.94 3.77
N ASP A 408 -24.83 14.72 3.02
CA ASP A 408 -25.03 16.13 3.35
C ASP A 408 -25.57 16.27 4.78
N ALA A 409 -26.57 15.45 5.11
CA ALA A 409 -27.18 15.46 6.44
C ALA A 409 -26.18 15.17 7.54
N ALA A 410 -25.23 14.28 7.24
CA ALA A 410 -24.19 13.91 8.20
C ALA A 410 -23.20 15.06 8.41
N LEU A 411 -22.69 15.60 7.30
CA LEU A 411 -21.75 16.74 7.33
C LEU A 411 -22.31 17.94 8.10
N ASP A 412 -23.52 18.33 7.74
CA ASP A 412 -24.15 19.49 8.35
C ASP A 412 -24.29 19.30 9.85
N HIS A 413 -24.56 18.06 10.25
CA HIS A 413 -24.69 17.69 11.66
C HIS A 413 -23.36 17.75 12.38
N THR A 414 -22.34 17.14 11.77
CA THR A 414 -20.99 17.11 12.35
C THR A 414 -19.97 17.37 11.25
N PRO A 415 -19.55 18.64 11.08
CA PRO A 415 -18.66 18.97 9.97
C PRO A 415 -17.18 18.62 10.22
N THR A 416 -16.89 17.98 11.35
CA THR A 416 -15.53 17.68 11.76
C THR A 416 -15.12 16.21 11.58
N LEU A 417 -15.64 15.56 10.55
CA LEU A 417 -15.23 14.18 10.25
C LEU A 417 -14.79 14.06 8.80
N VAL A 418 -13.47 13.93 8.63
CA VAL A 418 -12.84 13.84 7.30
C VAL A 418 -13.50 12.73 6.47
N GLU A 419 -13.83 11.65 7.15
CA GLU A 419 -14.54 10.52 6.54
C GLU A 419 -15.77 10.93 5.73
N PHE A 420 -16.55 11.89 6.24
CA PHE A 420 -17.75 12.34 5.50
C PHE A 420 -17.39 13.08 4.21
N TYR A 421 -16.29 13.83 4.20
CA TYR A 421 -15.83 14.53 2.99
C TYR A 421 -15.31 13.53 1.97
N ILE A 422 -14.75 12.42 2.44
CA ILE A 422 -14.21 11.40 1.54
C ILE A 422 -15.36 10.75 0.77
N LEU A 423 -16.32 10.18 1.51
CA LEU A 423 -17.49 9.58 0.89
C LEU A 423 -18.18 10.55 -0.08
N LYS A 424 -18.33 11.80 0.31
CA LYS A 424 -18.98 12.79 -0.54
C LYS A 424 -18.25 12.99 -1.86
N ALA A 425 -16.93 13.14 -1.80
CA ALA A 425 -16.11 13.35 -2.99
C ALA A 425 -16.13 12.15 -3.94
N ARG A 426 -16.38 10.96 -3.40
CA ARG A 426 -16.56 9.77 -4.24
C ARG A 426 -17.80 9.90 -5.13
N ILE A 427 -18.89 10.36 -4.54
CA ILE A 427 -20.14 10.50 -5.28
C ILE A 427 -19.97 11.44 -6.49
N LEU A 428 -19.27 12.55 -6.28
CA LEU A 428 -19.11 13.57 -7.33
C LEU A 428 -18.12 13.14 -8.41
N LYS A 429 -17.21 12.24 -8.07
CA LYS A 429 -16.32 11.61 -9.04
C LYS A 429 -17.11 10.63 -9.91
N HIS A 430 -17.95 9.82 -9.28
CA HIS A 430 -18.88 8.92 -9.97
C HIS A 430 -19.78 9.68 -10.96
N LEU A 431 -20.13 10.92 -10.62
CA LEU A 431 -20.93 11.78 -11.48
C LEU A 431 -20.10 12.56 -12.50
N GLY A 432 -18.78 12.40 -12.45
CA GLY A 432 -17.91 13.01 -13.44
C GLY A 432 -17.46 14.41 -13.09
N LEU A 433 -17.80 14.88 -11.89
CA LEU A 433 -17.41 16.23 -11.46
C LEU A 433 -16.09 16.16 -10.72
N MET A 434 -15.02 15.93 -11.49
CA MET A 434 -13.70 15.66 -10.93
C MET A 434 -13.16 16.82 -10.07
N ASP A 435 -13.26 18.04 -10.59
CA ASP A 435 -12.77 19.22 -9.87
C ASP A 435 -13.52 19.48 -8.58
N THR A 436 -14.84 19.33 -8.62
CA THR A 436 -15.68 19.54 -7.45
C THR A 436 -15.28 18.52 -6.38
N ALA A 437 -15.22 17.26 -6.80
CA ALA A 437 -14.83 16.16 -5.92
C ALA A 437 -13.50 16.43 -5.22
N ALA A 438 -12.49 16.82 -5.99
CA ALA A 438 -11.18 17.16 -5.44
C ALA A 438 -11.26 18.30 -4.44
N GLY A 439 -12.09 19.29 -4.74
CA GLY A 439 -12.31 20.43 -3.86
C GLY A 439 -12.94 20.05 -2.53
N ILE A 440 -13.84 19.07 -2.55
CA ILE A 440 -14.45 18.56 -1.31
C ILE A 440 -13.42 17.87 -0.42
N LEU A 441 -12.54 17.07 -1.00
CA LEU A 441 -11.45 16.48 -0.24
C LEU A 441 -10.55 17.58 0.34
N GLU A 442 -10.22 18.56 -0.49
CA GLU A 442 -9.36 19.69 -0.07
C GLU A 442 -9.96 20.43 1.13
N GLU A 443 -11.29 20.46 1.21
CA GLU A 443 -11.96 20.99 2.38
C GLU A 443 -11.65 20.15 3.60
N GLY A 444 -11.80 18.83 3.47
CA GLY A 444 -11.50 17.89 4.54
C GLY A 444 -10.03 17.82 4.92
N ARG A 445 -9.15 17.98 3.92
CA ARG A 445 -7.71 17.92 4.15
C ARG A 445 -7.26 18.98 5.13
N GLN A 446 -7.81 20.18 4.99
CA GLN A 446 -7.42 21.31 5.84
C GLN A 446 -7.81 21.12 7.31
N LEU A 447 -8.75 20.23 7.58
CA LEU A 447 -9.13 19.92 8.95
C LEU A 447 -8.08 19.07 9.67
N ASP A 448 -7.20 18.42 8.92
CA ASP A 448 -6.29 17.44 9.50
C ASP A 448 -5.02 17.32 8.67
N LEU A 449 -4.07 18.23 8.90
CA LEU A 449 -2.81 18.24 8.15
C LEU A 449 -1.78 17.26 8.70
N GLN A 450 -2.12 16.50 9.75
CA GLN A 450 -1.20 15.50 10.26
C GLN A 450 -1.41 14.16 9.55
N ASP A 451 -2.58 14.00 8.92
CA ASP A 451 -2.97 12.72 8.32
C ASP A 451 -2.56 12.63 6.86
N ARG A 452 -1.76 11.63 6.51
CA ARG A 452 -1.30 11.48 5.13
C ARG A 452 -2.34 10.81 4.21
N PHE A 453 -3.21 9.98 4.77
CA PHE A 453 -4.23 9.31 3.95
C PHE A 453 -5.10 10.31 3.21
N ILE A 454 -5.67 11.27 3.94
CA ILE A 454 -6.51 12.31 3.32
C ILE A 454 -5.71 13.13 2.30
N ASN A 455 -4.46 13.44 2.65
CA ASN A 455 -3.56 14.11 1.73
C ASN A 455 -3.41 13.31 0.44
N CYS A 456 -3.12 12.02 0.57
CA CYS A 456 -3.00 11.15 -0.59
C CYS A 456 -4.26 11.19 -1.43
N LYS A 457 -5.40 10.88 -0.81
CA LYS A 457 -6.66 10.85 -1.55
C LYS A 457 -6.95 12.18 -2.24
N THR A 458 -6.52 13.28 -1.63
CA THR A 458 -6.68 14.60 -2.25
C THR A 458 -5.75 14.71 -3.45
N VAL A 459 -4.49 14.34 -3.27
CA VAL A 459 -3.52 14.36 -4.37
C VAL A 459 -3.99 13.49 -5.53
N LYS A 460 -4.62 12.36 -5.21
CA LYS A 460 -5.12 11.45 -6.22
C LYS A 460 -6.24 12.09 -7.03
N TYR A 461 -7.19 12.72 -6.35
CA TYR A 461 -8.34 13.31 -7.03
C TYR A 461 -7.96 14.50 -7.88
N PHE A 462 -6.98 15.29 -7.43
CA PHE A 462 -6.48 16.42 -8.22
C PHE A 462 -5.73 15.96 -9.46
N LEU A 463 -5.02 14.84 -9.36
CA LEU A 463 -4.39 14.24 -10.53
C LEU A 463 -5.43 13.75 -11.55
N ARG A 464 -6.55 13.23 -11.06
CA ARG A 464 -7.66 12.77 -11.91
C ARG A 464 -8.36 13.90 -12.67
N ALA A 465 -8.33 15.11 -12.11
CA ALA A 465 -8.84 16.29 -12.80
C ALA A 465 -7.72 17.02 -13.53
N ASN A 466 -6.63 16.31 -13.82
CA ASN A 466 -5.50 16.87 -14.56
C ASN A 466 -4.95 18.16 -13.96
N ASN A 467 -5.02 18.26 -12.64
CA ASN A 467 -4.50 19.41 -11.93
C ASN A 467 -3.20 19.02 -11.23
N ILE A 468 -2.11 19.02 -11.99
CA ILE A 468 -0.84 18.46 -11.53
C ILE A 468 -0.12 19.38 -10.53
N ASP A 469 -0.11 20.67 -10.80
CA ASP A 469 0.56 21.64 -9.92
C ASP A 469 0.01 21.56 -8.51
N LYS A 470 -1.31 21.56 -8.39
CA LYS A 470 -1.96 21.48 -7.09
C LYS A 470 -1.63 20.15 -6.42
N ALA A 471 -1.71 19.06 -7.17
CA ALA A 471 -1.37 17.73 -6.67
C ALA A 471 0.06 17.71 -6.12
N VAL A 472 1.01 18.21 -6.91
CA VAL A 472 2.41 18.23 -6.46
C VAL A 472 2.58 19.11 -5.22
N GLU A 473 1.86 20.23 -5.17
CA GLU A 473 1.96 21.13 -4.02
C GLU A 473 1.51 20.44 -2.75
N VAL A 474 0.33 19.83 -2.82
CA VAL A 474 -0.27 19.16 -1.68
C VAL A 474 0.59 17.98 -1.25
N ALA A 475 0.98 17.16 -2.23
CA ALA A 475 1.83 16.00 -1.99
C ALA A 475 3.14 16.38 -1.30
N SER A 476 3.67 17.55 -1.64
CA SER A 476 4.95 18.01 -1.10
C SER A 476 4.91 18.40 0.38
N LEU A 477 3.71 18.45 0.97
CA LEU A 477 3.57 18.77 2.39
C LEU A 477 3.98 17.62 3.30
N PHE A 478 4.09 16.41 2.75
CA PHE A 478 4.48 15.23 3.53
C PHE A 478 5.81 14.60 3.11
N THR A 479 6.60 15.30 2.30
CA THR A 479 7.85 14.75 1.80
C THR A 479 9.06 15.56 2.25
N LYS A 480 10.20 14.88 2.39
CA LYS A 480 11.47 15.53 2.67
C LYS A 480 11.93 16.29 1.42
N ASN A 481 11.87 17.63 1.49
CA ASN A 481 12.20 18.48 0.36
C ASN A 481 13.49 19.26 0.59
N ASP A 482 14.48 18.61 1.20
CA ASP A 482 15.71 19.30 1.63
C ASP A 482 16.55 19.87 0.48
N ASP A 483 16.56 19.16 -0.65
CA ASP A 483 17.29 19.61 -1.84
C ASP A 483 16.44 19.48 -3.11
N SER A 484 15.23 20.02 -3.04
CA SER A 484 14.33 20.10 -4.19
C SER A 484 13.26 21.14 -3.90
N VAL A 485 12.69 21.72 -4.95
CA VAL A 485 11.61 22.70 -4.79
C VAL A 485 10.29 22.03 -4.40
N ASN A 486 10.15 20.74 -4.73
CA ASN A 486 8.98 19.95 -4.38
C ASN A 486 9.37 18.49 -4.10
N GLY A 487 8.40 17.64 -3.77
CA GLY A 487 8.67 16.26 -3.35
C GLY A 487 8.78 15.19 -4.42
N ILE A 488 8.91 15.57 -5.68
CA ILE A 488 8.97 14.59 -6.77
C ILE A 488 10.13 13.64 -6.54
N LYS A 489 11.32 14.19 -6.33
CA LYS A 489 12.52 13.38 -6.07
C LYS A 489 12.31 12.44 -4.89
N ASP A 490 11.82 12.99 -3.79
CA ASP A 490 11.61 12.21 -2.60
C ASP A 490 10.62 11.08 -2.87
N LEU A 491 9.55 11.39 -3.61
CA LEU A 491 8.56 10.39 -4.01
C LEU A 491 9.15 9.26 -4.87
N HIS A 492 10.12 9.57 -5.73
CA HIS A 492 10.84 8.52 -6.47
C HIS A 492 11.80 7.75 -5.57
N LEU A 493 12.33 8.41 -4.56
CA LEU A 493 13.31 7.80 -3.66
C LEU A 493 12.65 6.73 -2.77
N VAL A 494 11.41 6.99 -2.35
CA VAL A 494 10.64 6.01 -1.57
C VAL A 494 9.74 5.10 -2.42
N GLU A 495 9.92 5.14 -3.73
CA GLU A 495 9.25 4.18 -4.63
C GLU A 495 7.73 4.33 -4.63
N ALA A 496 7.25 5.56 -4.59
CA ALA A 496 5.81 5.83 -4.47
C ALA A 496 5.11 5.66 -5.80
N SER A 497 4.94 4.41 -6.23
CA SER A 497 4.29 4.10 -7.50
C SER A 497 2.86 4.67 -7.59
N TRP A 498 2.17 4.80 -6.45
CA TRP A 498 0.79 5.27 -6.45
C TRP A 498 0.69 6.66 -7.06
N PHE A 499 1.64 7.51 -6.69
CA PHE A 499 1.67 8.88 -7.15
C PHE A 499 2.21 8.96 -8.57
N ILE A 500 3.20 8.11 -8.86
CA ILE A 500 3.91 8.17 -10.13
C ILE A 500 3.07 7.63 -11.29
N VAL A 501 2.38 6.50 -11.08
CA VAL A 501 1.49 5.97 -12.12
C VAL A 501 0.35 6.93 -12.42
N GLU A 502 -0.20 7.57 -11.38
CA GLU A 502 -1.33 8.48 -11.52
C GLU A 502 -0.91 9.72 -12.26
N GLN A 503 0.23 10.27 -11.87
CA GLN A 503 0.77 11.45 -12.52
C GLN A 503 1.10 11.16 -13.99
N ALA A 504 1.68 9.99 -14.26
CA ALA A 504 1.95 9.56 -15.63
C ALA A 504 0.68 9.61 -16.46
N GLU A 505 -0.40 9.02 -15.94
CA GLU A 505 -1.67 8.96 -16.64
C GLU A 505 -2.31 10.34 -16.82
N ALA A 506 -2.08 11.25 -15.88
CA ALA A 506 -2.57 12.61 -16.00
C ALA A 506 -1.82 13.35 -17.10
N TYR A 507 -0.49 13.28 -17.06
CA TYR A 507 0.35 13.86 -18.13
C TYR A 507 -0.01 13.33 -19.51
N TYR A 508 -0.51 12.10 -19.56
CA TYR A 508 -0.99 11.52 -20.80
C TYR A 508 -2.30 12.19 -21.23
N ARG A 509 -3.21 12.40 -20.29
CA ARG A 509 -4.47 13.07 -20.59
C ARG A 509 -4.24 14.52 -21.01
N LEU A 510 -3.36 15.20 -20.29
CA LEU A 510 -2.97 16.58 -20.63
C LEU A 510 -2.29 16.61 -22.00
N TYR A 511 -1.60 15.54 -22.35
CA TYR A 511 -0.99 15.41 -23.67
C TYR A 511 -2.04 15.35 -24.78
N LEU A 512 -2.98 14.41 -24.65
CA LEU A 512 -4.04 14.24 -25.64
C LEU A 512 -4.92 15.48 -25.79
N ASP A 513 -5.25 16.11 -24.67
CA ASP A 513 -6.11 17.31 -24.68
C ASP A 513 -5.44 18.46 -25.42
N ARG A 514 -4.15 18.66 -25.19
CA ARG A 514 -3.44 19.75 -25.85
C ARG A 514 -3.04 19.42 -27.28
N LYS A 515 -3.12 18.13 -27.65
CA LYS A 515 -2.97 17.72 -29.06
C LYS A 515 -4.21 18.11 -29.85
N LYS A 516 -5.39 17.82 -29.29
CA LYS A 516 -6.65 18.18 -29.94
C LYS A 516 -6.75 19.70 -30.12
N LYS A 517 -6.31 20.45 -29.12
CA LYS A 517 -6.28 21.92 -29.20
C LYS A 517 -5.24 22.44 -30.18
N LEU A 518 -4.35 21.56 -30.65
CA LEU A 518 -3.37 21.89 -31.68
C LEU A 518 -3.95 21.64 -33.06
N ASP A 519 -4.68 20.54 -33.21
CA ASP A 519 -5.36 20.19 -34.45
C ASP A 519 -6.61 21.04 -34.69
N ASP A 520 -7.10 21.70 -33.64
CA ASP A 520 -8.17 22.69 -33.79
C ASP A 520 -7.56 24.05 -34.15
N LEU A 521 -6.37 24.34 -33.63
CA LEU A 521 -5.63 25.55 -34.02
C LEU A 521 -5.09 25.45 -35.45
N ALA A 522 -4.84 24.24 -35.93
CA ALA A 522 -4.42 24.03 -37.32
C ALA A 522 -5.53 24.39 -38.29
N SER A 523 -6.76 23.98 -37.94
CA SER A 523 -7.95 24.22 -38.76
C SER A 523 -8.30 25.71 -38.87
N LEU A 524 -8.24 26.43 -37.75
CA LEU A 524 -8.52 27.86 -37.74
C LEU A 524 -7.33 28.66 -38.27
N LYS A 525 -7.35 28.91 -39.57
CA LYS A 525 -6.31 29.70 -40.25
C LYS A 525 -6.86 30.94 -40.96
N LYS A 526 -8.19 31.08 -41.00
CA LYS A 526 -8.84 32.15 -41.77
C LYS A 526 -8.81 33.46 -40.98
N GLN A 535 -1.98 36.05 -33.83
CA GLN A 535 -1.65 35.53 -32.50
C GLN A 535 -1.85 34.02 -32.39
N ILE A 536 -2.49 33.40 -33.38
CA ILE A 536 -2.66 31.94 -33.39
C ILE A 536 -1.32 31.22 -33.57
N ALA A 537 -0.41 31.84 -34.32
CA ALA A 537 0.94 31.27 -34.53
C ALA A 537 1.77 31.33 -33.25
N ASN A 538 1.54 32.36 -32.45
CA ASN A 538 2.12 32.43 -31.10
C ASN A 538 1.62 31.27 -30.25
N ASP A 539 0.31 31.02 -30.30
CA ASP A 539 -0.31 29.97 -29.50
C ASP A 539 0.15 28.57 -29.88
N ILE A 540 0.12 28.23 -31.17
CA ILE A 540 0.52 26.88 -31.60
C ILE A 540 1.99 26.56 -31.26
N LYS A 541 2.82 27.59 -31.22
CA LYS A 541 4.22 27.43 -30.79
C LYS A 541 4.27 27.03 -29.32
N GLU A 542 3.40 27.63 -28.50
CA GLU A 542 3.28 27.31 -27.09
C GLU A 542 2.63 25.95 -26.89
N ASN A 543 1.57 25.67 -27.63
CA ASN A 543 0.92 24.36 -27.59
C ASN A 543 1.86 23.24 -28.03
N GLN A 544 2.77 23.54 -28.97
CA GLN A 544 3.73 22.54 -29.44
C GLN A 544 4.83 22.23 -28.41
N TRP A 545 5.10 23.16 -27.51
CA TRP A 545 5.98 22.90 -26.38
C TRP A 545 5.26 22.04 -25.34
N LEU A 546 4.01 22.38 -25.05
CA LEU A 546 3.21 21.67 -24.04
C LEU A 546 3.02 20.19 -24.35
N VAL A 547 2.74 19.86 -25.61
CA VAL A 547 2.55 18.46 -26.02
C VAL A 547 3.85 17.65 -25.88
N ARG A 548 4.97 18.25 -26.26
CA ARG A 548 6.27 17.60 -26.09
C ARG A 548 6.60 17.42 -24.62
N LYS A 549 6.29 18.45 -23.82
CA LYS A 549 6.55 18.42 -22.38
C LYS A 549 5.71 17.35 -21.70
N TYR A 550 4.42 17.31 -22.02
CA TYR A 550 3.50 16.37 -21.38
C TYR A 550 3.62 14.94 -21.90
N LYS A 551 3.94 14.77 -23.19
CA LYS A 551 4.19 13.45 -23.73
C LYS A 551 5.47 12.86 -23.16
N GLY A 552 6.46 13.72 -22.94
CA GLY A 552 7.75 13.29 -22.42
C GLY A 552 7.67 12.91 -20.97
N LEU A 553 7.03 13.76 -20.17
CA LEU A 553 6.94 13.53 -18.73
C LEU A 553 6.03 12.36 -18.39
N ALA A 554 5.01 12.12 -19.21
CA ALA A 554 4.18 10.94 -19.04
C ALA A 554 5.05 9.69 -19.15
N LEU A 555 5.80 9.60 -20.25
CA LEU A 555 6.63 8.43 -20.51
C LEU A 555 7.76 8.32 -19.49
N LYS A 556 8.31 9.47 -19.13
CA LYS A 556 9.31 9.57 -18.06
C LYS A 556 8.80 8.92 -16.77
N ARG A 557 7.58 9.29 -16.37
CA ARG A 557 6.98 8.80 -15.13
C ARG A 557 6.63 7.32 -15.19
N PHE A 558 6.12 6.85 -16.34
CA PHE A 558 5.84 5.42 -16.50
C PHE A 558 7.11 4.58 -16.45
N ASN A 559 8.24 5.15 -16.85
CA ASN A 559 9.51 4.43 -16.85
C ASN A 559 10.18 4.35 -15.47
N ALA A 560 9.70 5.15 -14.51
CA ALA A 560 10.19 5.06 -13.14
C ALA A 560 9.76 3.75 -12.46
N ILE A 561 8.63 3.19 -12.87
CA ILE A 561 8.09 1.98 -12.24
C ILE A 561 8.97 0.74 -12.49
N PRO A 562 9.28 0.41 -13.76
CA PRO A 562 10.12 -0.79 -13.96
C PRO A 562 11.45 -0.70 -13.23
N LYS A 563 12.01 0.50 -13.16
CA LYS A 563 13.27 0.73 -12.49
C LYS A 563 13.16 0.35 -11.02
N PHE A 564 12.02 0.64 -10.39
CA PHE A 564 11.76 0.19 -9.02
C PHE A 564 11.78 -1.33 -8.95
N TYR A 565 11.02 -1.98 -9.83
CA TYR A 565 10.86 -3.44 -9.73
C TYR A 565 12.14 -4.19 -10.12
N LYS A 566 13.01 -3.56 -10.91
CA LYS A 566 14.30 -4.17 -11.23
C LYS A 566 15.22 -4.10 -10.02
N GLN A 567 15.06 -3.04 -9.23
CA GLN A 567 15.75 -2.95 -7.95
C GLN A 567 15.24 -4.04 -7.01
N PHE A 568 13.93 -4.25 -6.98
CA PHE A 568 13.33 -5.30 -6.14
C PHE A 568 13.98 -6.66 -6.40
N GLU A 569 14.28 -6.93 -7.67
CA GLU A 569 14.97 -8.15 -8.04
C GLU A 569 16.40 -8.15 -7.51
N ASP A 570 17.09 -7.03 -7.68
CA ASP A 570 18.46 -6.91 -7.21
C ASP A 570 18.54 -7.01 -5.69
N ASP A 571 17.49 -6.54 -5.01
CA ASP A 571 17.47 -6.53 -3.54
C ASP A 571 17.63 -7.93 -2.92
N GLN A 572 17.36 -8.96 -3.70
CA GLN A 572 17.51 -10.33 -3.24
C GLN A 572 18.97 -10.74 -3.01
N LEU A 573 19.90 -10.09 -3.71
CA LEU A 573 21.33 -10.42 -3.66
C LEU A 573 21.81 -10.82 -2.27
N ASP A 574 21.69 -9.91 -1.30
CA ASP A 574 22.16 -10.15 0.08
C ASP A 574 21.51 -11.38 0.70
N PHE A 575 20.23 -11.58 0.42
CA PHE A 575 19.48 -12.64 1.11
C PHE A 575 19.88 -14.07 0.74
N HIS A 576 20.58 -14.26 -0.38
CA HIS A 576 21.08 -15.60 -0.73
C HIS A 576 22.05 -16.13 0.33
N SER A 577 22.73 -15.22 1.01
CA SER A 577 23.63 -15.55 2.11
C SER A 577 23.07 -15.15 3.47
N TYR A 578 22.28 -14.08 3.52
CA TYR A 578 21.79 -13.57 4.78
C TYR A 578 20.81 -14.52 5.46
N CYS A 579 19.88 -15.08 4.68
CA CYS A 579 18.88 -16.01 5.24
C CYS A 579 19.48 -17.34 5.65
N MET A 580 20.68 -17.63 5.16
CA MET A 580 21.37 -18.86 5.53
C MET A 580 21.94 -18.70 6.93
N ARG A 581 22.61 -17.57 7.18
CA ARG A 581 23.18 -17.28 8.51
C ARG A 581 22.07 -17.12 9.56
N LYS A 582 21.14 -16.23 9.30
CA LYS A 582 20.02 -16.00 10.20
C LYS A 582 19.16 -17.25 10.44
N GLY A 583 19.10 -18.14 9.46
CA GLY A 583 18.38 -19.41 9.60
C GLY A 583 16.90 -19.33 9.27
N THR A 584 16.58 -18.79 8.10
CA THR A 584 15.20 -18.67 7.62
C THR A 584 15.03 -19.26 6.21
N PRO A 585 15.27 -20.58 6.08
CA PRO A 585 15.18 -21.20 4.74
C PRO A 585 13.76 -21.25 4.17
N ARG A 586 12.77 -21.60 4.98
CA ARG A 586 11.39 -21.59 4.49
C ARG A 586 11.04 -20.25 3.87
N ALA A 587 11.41 -19.17 4.56
CA ALA A 587 11.12 -17.81 4.12
C ALA A 587 11.92 -17.42 2.89
N TYR A 588 13.16 -17.88 2.81
CA TYR A 588 14.01 -17.61 1.65
C TYR A 588 13.45 -18.24 0.39
N LEU A 589 12.87 -19.43 0.52
CA LEU A 589 12.28 -20.11 -0.64
C LEU A 589 11.08 -19.35 -1.15
N GLU A 590 10.34 -18.73 -0.24
CA GLU A 590 9.24 -17.87 -0.64
C GLU A 590 9.75 -16.64 -1.39
N MET A 591 10.90 -16.11 -0.96
CA MET A 591 11.49 -14.96 -1.63
C MET A 591 11.74 -15.25 -3.11
N LEU A 592 12.25 -16.44 -3.41
CA LEU A 592 12.58 -16.82 -4.78
C LEU A 592 11.34 -16.81 -5.68
N GLU A 593 10.23 -17.34 -5.15
CA GLU A 593 8.96 -17.33 -5.87
C GLU A 593 8.49 -15.89 -6.07
N TRP A 594 8.62 -15.09 -5.02
CA TRP A 594 8.28 -13.68 -5.08
C TRP A 594 9.12 -12.95 -6.11
N GLY A 595 10.41 -13.30 -6.19
CA GLY A 595 11.31 -12.73 -7.18
C GLY A 595 10.94 -13.11 -8.60
N LYS A 596 10.43 -14.33 -8.77
CA LYS A 596 10.00 -14.83 -10.08
C LYS A 596 8.64 -14.28 -10.53
N ALA A 597 7.98 -13.48 -9.69
CA ALA A 597 6.68 -12.90 -10.03
C ALA A 597 6.70 -11.37 -10.09
N LEU A 598 7.85 -10.76 -9.93
CA LEU A 598 7.94 -9.31 -9.75
C LEU A 598 7.34 -8.54 -10.91
N TYR A 599 7.66 -8.97 -12.12
CA TYR A 599 7.22 -8.26 -13.32
C TYR A 599 5.81 -8.63 -13.75
N THR A 600 5.04 -9.27 -12.86
CA THR A 600 3.62 -9.56 -13.09
C THR A 600 2.72 -8.89 -12.05
N LYS A 601 3.30 -8.08 -11.17
CA LYS A 601 2.52 -7.48 -10.07
C LYS A 601 1.75 -6.27 -10.58
N PRO A 602 0.56 -6.02 -9.99
CA PRO A 602 -0.41 -5.04 -10.49
C PRO A 602 0.13 -3.69 -10.98
N MET A 603 1.06 -3.11 -10.25
CA MET A 603 1.58 -1.77 -10.63
C MET A 603 2.58 -1.80 -11.78
N TYR A 604 3.34 -2.88 -11.89
CA TYR A 604 4.23 -3.06 -13.03
C TYR A 604 3.42 -3.28 -14.31
N VAL A 605 2.36 -4.08 -14.22
CA VAL A 605 1.50 -4.37 -15.36
C VAL A 605 0.69 -3.13 -15.74
N ARG A 606 0.25 -2.37 -14.74
CA ARG A 606 -0.48 -1.13 -15.00
C ARG A 606 0.38 -0.15 -15.77
N ALA A 607 1.59 0.10 -15.28
CA ALA A 607 2.51 1.03 -15.96
C ALA A 607 2.85 0.55 -17.37
N MET A 608 3.11 -0.74 -17.52
CA MET A 608 3.40 -1.34 -18.84
C MET A 608 2.30 -1.07 -19.87
N LYS A 609 1.08 -1.51 -19.57
CA LYS A 609 -0.08 -1.37 -20.45
C LYS A 609 -0.32 0.08 -20.86
N GLU A 610 -0.30 0.98 -19.89
CA GLU A 610 -0.54 2.40 -20.15
C GLU A 610 0.56 3.00 -21.02
N ALA A 611 1.81 2.64 -20.73
CA ALA A 611 2.95 3.14 -21.50
C ALA A 611 2.95 2.60 -22.93
N SER A 612 2.33 1.43 -23.14
CA SER A 612 2.27 0.83 -24.48
C SER A 612 1.54 1.74 -25.46
N LYS A 613 0.47 2.38 -24.98
CA LYS A 613 -0.29 3.34 -25.80
C LYS A 613 0.63 4.38 -26.45
N LEU A 614 1.58 4.90 -25.70
CA LEU A 614 2.56 5.86 -26.23
C LEU A 614 3.55 5.21 -27.20
N TYR A 615 4.17 4.10 -26.79
CA TYR A 615 5.18 3.41 -27.60
C TYR A 615 4.61 2.91 -28.92
N PHE A 616 3.42 2.31 -28.85
CA PHE A 616 2.73 1.84 -30.04
C PHE A 616 2.50 2.99 -31.02
N GLN A 617 1.93 4.08 -30.52
CA GLN A 617 1.58 5.21 -31.38
C GLN A 617 2.82 5.86 -32.00
N MET A 618 3.93 5.85 -31.29
CA MET A 618 5.19 6.37 -31.82
C MET A 618 5.72 5.51 -32.98
N HIS A 619 5.42 4.22 -32.96
CA HIS A 619 5.74 3.33 -34.08
C HIS A 619 4.82 3.59 -35.26
N ASP A 620 3.54 3.81 -34.98
CA ASP A 620 2.56 4.08 -36.02
C ASP A 620 2.84 5.42 -36.72
N ASP A 621 3.21 6.43 -35.94
CA ASP A 621 3.39 7.79 -36.47
C ASP A 621 4.59 7.92 -37.41
N ARG A 622 5.71 7.26 -37.08
CA ARG A 622 6.90 7.35 -37.93
C ARG A 622 6.72 6.56 -39.22
N LEU A 623 5.93 5.48 -39.16
CA LEU A 623 5.53 4.73 -40.35
C LEU A 623 4.56 5.53 -41.23
N LYS A 624 3.69 6.32 -40.61
CA LYS A 624 2.75 7.18 -41.34
C LYS A 624 2.69 8.58 -40.75
N LYS A 660 17.58 25.78 -22.89
CA LYS A 660 16.33 26.44 -23.27
C LYS A 660 15.95 27.51 -22.25
N ARG A 661 14.82 28.18 -22.51
CA ARG A 661 14.38 29.31 -21.71
C ARG A 661 13.56 28.80 -20.52
N LYS A 662 12.64 27.88 -20.82
CA LYS A 662 11.89 27.15 -19.79
C LYS A 662 12.59 25.85 -19.39
N GLU A 663 13.92 25.79 -19.61
CA GLU A 663 14.77 24.82 -18.94
C GLU A 663 14.97 25.25 -17.49
N THR A 664 14.55 26.48 -17.18
CA THR A 664 14.37 26.95 -15.81
C THR A 664 13.29 26.13 -15.10
N GLU A 665 12.21 25.84 -15.81
CA GLU A 665 11.09 25.03 -15.31
C GLU A 665 11.49 23.60 -14.92
N ALA A 666 12.54 23.07 -15.56
CA ALA A 666 13.05 21.71 -15.28
C ALA A 666 13.24 21.38 -13.80
N LYS A 667 13.59 22.39 -13.01
CA LYS A 667 13.86 22.20 -11.59
C LYS A 667 12.66 21.62 -10.82
N SER A 668 11.46 22.01 -11.22
CA SER A 668 10.25 21.57 -10.54
C SER A 668 9.77 20.19 -10.99
N VAL A 669 10.24 19.71 -12.15
CA VAL A 669 9.88 18.35 -12.63
C VAL A 669 10.98 17.30 -12.43
N ALA A 670 12.05 17.67 -11.73
CA ALA A 670 13.21 16.78 -11.58
C ALA A 670 12.89 15.62 -10.65
N ALA A 671 13.08 14.40 -11.16
CA ALA A 671 12.76 13.18 -10.42
C ALA A 671 14.00 12.46 -9.88
N TYR A 672 15.11 12.57 -10.61
CA TYR A 672 16.35 11.91 -10.22
C TYR A 672 17.43 12.98 -10.00
N PRO A 673 18.54 12.60 -9.33
CA PRO A 673 19.63 13.56 -9.09
C PRO A 673 20.23 14.14 -10.38
N SER A 674 20.77 15.35 -10.27
CA SER A 674 21.38 16.04 -11.40
C SER A 674 22.44 15.18 -12.07
N ASP A 675 23.34 14.64 -11.25
CA ASP A 675 24.44 13.79 -11.71
C ASP A 675 23.95 12.72 -12.69
N GLN A 676 22.98 11.92 -12.23
CA GLN A 676 22.52 10.76 -12.98
C GLN A 676 21.66 11.10 -14.19
N ASP A 677 20.73 12.04 -14.02
CA ASP A 677 19.74 12.33 -15.06
C ASP A 677 19.95 13.69 -15.70
N ASN A 678 20.09 13.68 -17.02
CA ASN A 678 20.18 14.91 -17.82
C ASN A 678 18.85 15.20 -18.54
N ASP A 679 18.21 14.15 -19.04
CA ASP A 679 16.96 14.26 -19.78
C ASP A 679 15.78 14.33 -18.80
N VAL A 680 15.57 15.50 -18.21
CA VAL A 680 14.55 15.66 -17.16
C VAL A 680 13.11 15.65 -17.70
N PHE A 681 12.89 16.30 -18.84
CA PHE A 681 11.57 16.31 -19.48
C PHE A 681 11.28 15.04 -20.29
N GLY A 682 12.29 14.20 -20.47
CA GLY A 682 12.12 12.94 -21.18
C GLY A 682 12.00 13.12 -22.67
N GLU A 683 12.85 13.99 -23.23
CA GLU A 683 12.83 14.29 -24.67
C GLU A 683 13.44 13.18 -25.52
N LYS A 684 14.51 12.57 -25.03
CA LYS A 684 15.14 11.47 -25.74
C LYS A 684 14.17 10.29 -25.85
N LEU A 685 13.38 10.09 -24.80
CA LEU A 685 12.42 8.98 -24.76
C LEU A 685 11.37 9.07 -25.87
N ILE A 686 10.69 10.22 -25.97
CA ILE A 686 9.64 10.39 -26.98
C ILE A 686 10.15 10.53 -28.42
N GLU A 687 11.40 10.97 -28.58
CA GLU A 687 12.01 11.12 -29.91
C GLU A 687 13.02 10.02 -30.25
N THR A 688 12.81 8.82 -29.70
CA THR A 688 13.66 7.68 -30.04
C THR A 688 13.36 7.23 -31.46
N SER A 689 14.35 6.60 -32.10
CA SER A 689 14.21 6.08 -33.45
C SER A 689 13.74 4.62 -33.45
N THR A 690 13.68 4.01 -32.27
CA THR A 690 13.29 2.61 -32.12
C THR A 690 12.33 2.44 -30.94
N PRO A 691 11.05 2.82 -31.11
CA PRO A 691 10.10 2.79 -30.00
C PRO A 691 9.74 1.38 -29.53
N MET A 692 9.71 0.43 -30.46
CA MET A 692 9.30 -0.95 -30.13
C MET A 692 10.37 -1.75 -29.43
N GLU A 693 11.64 -1.43 -29.69
CA GLU A 693 12.74 -2.06 -28.96
C GLU A 693 12.80 -1.52 -27.53
N ASP A 694 12.46 -0.24 -27.38
CA ASP A 694 12.43 0.40 -26.06
C ASP A 694 11.37 -0.22 -25.15
N PHE A 695 10.14 -0.35 -25.67
CA PHE A 695 9.05 -0.98 -24.91
C PHE A 695 9.41 -2.40 -24.47
N ALA A 696 10.14 -3.14 -25.30
CA ALA A 696 10.54 -4.50 -24.97
C ALA A 696 11.53 -4.49 -23.83
N THR A 697 12.61 -3.73 -24.00
CA THR A 697 13.66 -3.67 -22.99
C THR A 697 13.12 -3.11 -21.67
N GLU A 698 12.46 -1.96 -21.72
CA GLU A 698 12.05 -1.26 -20.52
C GLU A 698 10.85 -1.89 -19.78
N PHE A 699 9.97 -2.57 -20.51
CA PHE A 699 8.76 -3.13 -19.89
C PHE A 699 8.49 -4.58 -20.27
N TYR A 700 8.25 -4.82 -21.56
CA TYR A 700 7.57 -6.02 -22.01
C TYR A 700 8.34 -7.32 -21.79
N ASN A 701 9.61 -7.35 -22.17
CA ASN A 701 10.45 -8.57 -22.07
C ASN A 701 10.39 -9.28 -20.72
N ASN A 702 10.62 -8.53 -19.64
CA ASN A 702 10.63 -9.10 -18.29
C ASN A 702 9.27 -9.66 -17.85
N TYR A 703 8.21 -8.95 -18.22
CA TYR A 703 6.84 -9.42 -17.98
C TYR A 703 6.57 -10.73 -18.71
N SER A 704 7.02 -10.83 -19.95
CA SER A 704 6.73 -11.99 -20.79
C SER A 704 7.36 -13.29 -20.28
N MET A 705 8.59 -13.21 -19.78
CA MET A 705 9.30 -14.41 -19.33
C MET A 705 8.77 -14.95 -18.01
N GLN A 706 8.11 -14.11 -17.21
CA GLN A 706 7.59 -14.53 -15.90
C GLN A 706 6.10 -14.85 -15.87
N VAL A 707 5.32 -14.19 -16.74
CA VAL A 707 3.87 -14.23 -16.63
C VAL A 707 3.29 -15.63 -16.85
N ARG A 708 2.31 -15.99 -16.02
CA ARG A 708 1.59 -17.25 -16.13
C ARG A 708 0.55 -17.17 -17.23
N GLU A 709 0.28 -18.30 -17.88
CA GLU A 709 -0.69 -18.35 -18.99
C GLU A 709 -2.10 -17.89 -18.57
N ASP A 710 -2.52 -18.22 -17.35
CA ASP A 710 -3.88 -17.94 -16.91
C ASP A 710 -4.11 -16.46 -16.52
N GLU A 711 -3.04 -15.68 -16.49
CA GLU A 711 -3.12 -14.24 -16.25
C GLU A 711 -2.57 -13.41 -17.41
N ARG A 712 -2.15 -14.06 -18.49
CA ARG A 712 -1.48 -13.37 -19.59
C ARG A 712 -2.44 -12.49 -20.38
N ASP A 713 -2.04 -11.25 -20.66
CA ASP A 713 -2.84 -10.32 -21.47
C ASP A 713 -2.56 -10.55 -22.95
N TYR A 714 -3.40 -11.37 -23.59
CA TYR A 714 -3.17 -11.75 -24.98
C TYR A 714 -3.43 -10.62 -25.97
N ILE A 715 -4.29 -9.66 -25.59
CA ILE A 715 -4.52 -8.48 -26.42
C ILE A 715 -3.22 -7.67 -26.55
N LEU A 716 -2.47 -7.59 -25.45
CA LEU A 716 -1.22 -6.81 -25.44
C LEU A 716 -0.17 -7.46 -26.32
N ASP A 717 0.07 -8.75 -26.12
CA ASP A 717 1.10 -9.42 -26.92
C ASP A 717 0.72 -9.50 -28.40
N PHE A 718 -0.59 -9.60 -28.69
CA PHE A 718 -1.08 -9.50 -30.06
C PHE A 718 -0.69 -8.15 -30.66
N GLU A 719 -1.04 -7.08 -29.97
CA GLU A 719 -0.74 -5.74 -30.44
C GLU A 719 0.78 -5.47 -30.50
N PHE A 720 1.54 -6.12 -29.64
CA PHE A 720 3.00 -5.98 -29.64
C PHE A 720 3.63 -6.60 -30.89
N ASN A 721 3.23 -7.82 -31.22
CA ASN A 721 3.82 -8.55 -32.33
C ASN A 721 3.40 -8.01 -33.70
N TYR A 722 2.22 -7.41 -33.76
CA TYR A 722 1.70 -6.77 -34.98
C TYR A 722 2.60 -5.65 -35.51
N ARG A 723 3.38 -5.02 -34.63
CA ARG A 723 4.23 -3.89 -35.00
C ARG A 723 5.72 -4.27 -35.16
N ILE A 724 6.06 -5.53 -34.88
CA ILE A 724 7.42 -6.02 -35.10
C ILE A 724 7.45 -7.09 -36.21
N GLY A 725 6.38 -7.15 -36.99
CA GLY A 725 6.33 -8.04 -38.15
C GLY A 725 6.21 -9.51 -37.86
N LYS A 726 5.78 -9.87 -36.65
CA LYS A 726 5.64 -11.28 -36.25
C LYS A 726 4.17 -11.70 -36.19
N LEU A 727 3.58 -11.94 -37.35
CA LEU A 727 2.15 -12.23 -37.42
C LEU A 727 1.81 -13.64 -36.90
N ALA A 728 2.72 -14.59 -37.12
CA ALA A 728 2.56 -15.95 -36.60
C ALA A 728 2.19 -15.95 -35.12
N LEU A 729 2.87 -15.10 -34.36
CA LEU A 729 2.57 -14.93 -32.94
C LEU A 729 1.20 -14.30 -32.74
N CYS A 730 0.94 -13.23 -33.47
CA CYS A 730 -0.38 -12.60 -33.43
C CYS A 730 -1.50 -13.64 -33.57
N PHE A 731 -1.30 -14.61 -34.46
CA PHE A 731 -2.27 -15.70 -34.59
C PHE A 731 -2.33 -16.53 -33.31
N ALA A 732 -1.16 -16.84 -32.75
CA ALA A 732 -1.08 -17.64 -31.52
C ALA A 732 -1.78 -16.93 -30.35
N SER A 733 -1.51 -15.64 -30.18
CA SER A 733 -2.19 -14.83 -29.18
C SER A 733 -3.70 -14.96 -29.33
N LEU A 734 -4.16 -14.67 -30.54
CA LEU A 734 -5.58 -14.73 -30.88
C LEU A 734 -6.16 -16.11 -30.65
N ASN A 735 -5.41 -17.13 -31.05
CA ASN A 735 -5.85 -18.51 -30.90
C ASN A 735 -6.06 -18.82 -29.43
N LYS A 736 -5.03 -18.56 -28.63
CA LYS A 736 -5.06 -18.83 -27.19
C LYS A 736 -6.16 -18.04 -26.48
N PHE A 737 -6.36 -16.78 -26.88
CA PHE A 737 -7.44 -15.96 -26.33
C PHE A 737 -8.81 -16.64 -26.51
N ALA A 738 -9.04 -17.18 -27.70
CA ALA A 738 -10.30 -17.85 -28.02
C ALA A 738 -10.54 -19.08 -27.16
N LYS A 739 -9.46 -19.76 -26.78
CA LYS A 739 -9.55 -20.96 -25.93
C LYS A 739 -10.01 -20.65 -24.50
N ARG A 740 -9.64 -19.50 -23.96
CA ARG A 740 -10.06 -19.11 -22.61
C ARG A 740 -11.39 -18.35 -22.61
N PHE A 741 -11.45 -17.27 -23.38
CA PHE A 741 -12.62 -16.37 -23.39
C PHE A 741 -13.58 -16.69 -24.53
N GLY A 742 -13.06 -16.64 -25.75
CA GLY A 742 -13.87 -16.67 -26.97
C GLY A 742 -14.54 -18.01 -27.26
N THR A 743 -14.94 -18.26 -28.51
CA THR A 743 -14.63 -17.42 -29.68
C THR A 743 -15.82 -16.55 -30.13
N THR A 744 -16.59 -16.05 -29.18
CA THR A 744 -17.73 -15.19 -29.48
C THR A 744 -17.55 -13.77 -28.89
N SER A 745 -16.36 -13.48 -28.39
CA SER A 745 -16.06 -12.18 -27.80
C SER A 745 -15.80 -11.17 -28.90
N GLY A 746 -16.28 -9.94 -28.70
CA GLY A 746 -16.04 -8.86 -29.65
C GLY A 746 -14.57 -8.52 -29.83
N LEU A 747 -13.77 -8.77 -28.79
CA LEU A 747 -12.32 -8.62 -28.87
C LEU A 747 -11.73 -9.69 -29.78
N PHE A 748 -12.21 -10.92 -29.63
CA PHE A 748 -11.80 -12.00 -30.51
C PHE A 748 -12.15 -11.69 -31.97
N GLY A 749 -13.35 -11.14 -32.18
CA GLY A 749 -13.73 -10.65 -33.50
C GLY A 749 -12.80 -9.53 -33.94
N SER A 750 -12.67 -8.53 -33.08
CA SER A 750 -11.82 -7.38 -33.35
C SER A 750 -10.45 -7.81 -33.88
N MET A 751 -9.74 -8.60 -33.08
CA MET A 751 -8.39 -9.03 -33.42
C MET A 751 -8.32 -9.82 -34.73
N ALA A 752 -9.27 -10.75 -34.89
CA ALA A 752 -9.33 -11.62 -36.08
C ALA A 752 -9.41 -10.81 -37.38
N ILE A 753 -10.38 -9.91 -37.43
CA ILE A 753 -10.59 -9.04 -38.58
C ILE A 753 -9.35 -8.19 -38.87
N VAL A 754 -8.66 -7.75 -37.82
CA VAL A 754 -7.44 -6.96 -37.96
C VAL A 754 -6.27 -7.80 -38.49
N LEU A 755 -6.22 -9.07 -38.09
CA LEU A 755 -5.17 -9.99 -38.54
C LEU A 755 -5.40 -10.45 -39.97
N LEU A 756 -6.66 -10.68 -40.34
CA LEU A 756 -6.98 -11.11 -41.70
C LEU A 756 -6.56 -10.08 -42.74
N HIS A 757 -6.91 -8.82 -42.48
CA HIS A 757 -6.50 -7.72 -43.36
C HIS A 757 -4.97 -7.63 -43.49
N ALA A 758 -4.26 -8.00 -42.43
CA ALA A 758 -2.79 -7.96 -42.41
C ALA A 758 -2.13 -8.96 -43.36
N THR A 759 -2.79 -10.11 -43.58
CA THR A 759 -2.19 -11.21 -44.36
C THR A 759 -1.84 -10.77 -45.78
N ARG A 760 -2.86 -10.35 -46.51
CA ARG A 760 -2.72 -9.98 -47.91
C ARG A 760 -3.29 -8.59 -48.15
N ASN A 761 -2.90 -7.92 -49.23
CA ASN A 761 -1.81 -8.33 -50.14
C ASN A 761 -0.67 -7.31 -50.12
N ASP A 762 -1.04 -6.03 -50.15
CA ASP A 762 -0.10 -4.92 -50.17
C ASP A 762 0.69 -4.77 -48.85
N THR A 763 0.12 -5.28 -47.75
CA THR A 763 0.69 -5.13 -46.41
C THR A 763 2.16 -5.55 -46.30
N PRO A 764 3.02 -4.68 -45.73
CA PRO A 764 4.46 -4.94 -45.68
C PRO A 764 4.87 -5.98 -44.64
N PHE A 765 4.87 -7.26 -45.03
CA PHE A 765 5.28 -8.35 -44.15
C PHE A 765 6.00 -9.46 -44.92
N VAL A 772 0.99 -16.72 -45.42
CA VAL A 772 1.67 -17.59 -44.46
C VAL A 772 0.80 -17.85 -43.23
N VAL A 773 0.12 -16.82 -42.74
CA VAL A 773 -0.75 -16.93 -41.58
C VAL A 773 -2.17 -17.34 -42.01
N THR A 774 -2.57 -16.91 -43.20
CA THR A 774 -3.86 -17.28 -43.81
C THR A 774 -4.15 -18.77 -43.64
N LYS A 775 -3.10 -19.58 -43.79
CA LYS A 775 -3.18 -21.03 -43.60
C LYS A 775 -3.84 -21.35 -42.27
N SER A 776 -3.33 -20.74 -41.20
CA SER A 776 -3.82 -21.00 -39.85
C SER A 776 -5.23 -20.42 -39.62
N LEU A 777 -5.54 -19.31 -40.28
CA LEU A 777 -6.87 -18.71 -40.19
C LEU A 777 -7.98 -19.62 -40.72
N GLU A 778 -7.76 -20.15 -41.91
CA GLU A 778 -8.72 -21.04 -42.56
C GLU A 778 -8.76 -22.41 -41.89
N LYS A 779 -7.62 -22.83 -41.35
CA LYS A 779 -7.52 -24.11 -40.64
C LYS A 779 -8.47 -24.15 -39.44
N GLU A 780 -8.49 -23.09 -38.64
CA GLU A 780 -9.15 -23.12 -37.33
C GLU A 780 -10.54 -22.49 -37.28
N TYR A 781 -10.75 -21.36 -37.97
CA TYR A 781 -11.97 -20.57 -37.80
C TYR A 781 -12.67 -20.22 -39.12
N SER A 782 -12.93 -21.23 -39.93
CA SER A 782 -13.63 -21.05 -41.21
C SER A 782 -15.12 -20.89 -41.01
N GLU A 783 -15.70 -21.65 -40.09
CA GLU A 783 -17.13 -21.56 -39.79
C GLU A 783 -17.49 -20.39 -38.86
N ASN A 784 -16.49 -19.62 -38.46
CA ASN A 784 -16.70 -18.40 -37.65
C ASN A 784 -16.75 -17.12 -38.47
N PHE A 785 -16.02 -17.10 -39.59
CA PHE A 785 -15.93 -15.89 -40.43
C PHE A 785 -16.05 -16.24 -41.93
N PRO A 786 -16.56 -15.30 -42.74
CA PRO A 786 -16.46 -15.43 -44.20
C PRO A 786 -15.07 -15.04 -44.70
N LEU A 787 -14.16 -16.01 -44.72
CA LEU A 787 -12.74 -15.74 -44.88
C LEU A 787 -12.34 -15.37 -46.32
N ASN A 788 -12.93 -16.04 -47.31
CA ASN A 788 -12.57 -15.80 -48.71
C ASN A 788 -13.02 -14.43 -49.18
N GLU A 789 -12.09 -13.47 -49.19
CA GLU A 789 -12.43 -12.07 -49.46
C GLU A 789 -11.16 -11.25 -49.70
N PHE A 795 -17.06 -6.02 -48.91
CA PHE A 795 -17.83 -6.64 -47.85
C PHE A 795 -18.02 -5.71 -46.65
N ASP A 796 -19.15 -5.86 -45.96
CA ASP A 796 -19.47 -5.06 -44.79
C ASP A 796 -19.11 -5.79 -43.50
N TRP A 797 -17.96 -5.44 -42.95
CA TRP A 797 -17.48 -6.05 -41.72
C TRP A 797 -18.16 -5.44 -40.49
N LEU A 798 -18.36 -4.13 -40.50
CA LEU A 798 -19.02 -3.42 -39.39
C LEU A 798 -20.42 -3.97 -39.14
N ASN A 799 -21.17 -4.18 -40.23
CA ASN A 799 -22.47 -4.83 -40.15
C ASN A 799 -22.33 -6.27 -39.66
N PHE A 800 -21.46 -7.02 -40.32
CA PHE A 800 -21.20 -8.42 -39.97
C PHE A 800 -20.85 -8.59 -38.48
N TYR A 801 -20.08 -7.64 -37.94
CA TYR A 801 -19.72 -7.65 -36.52
C TYR A 801 -20.94 -7.43 -35.62
N GLN A 802 -21.82 -6.51 -36.01
CA GLN A 802 -23.06 -6.25 -35.29
C GLN A 802 -23.99 -7.47 -35.33
N GLU A 803 -23.93 -8.24 -36.42
CA GLU A 803 -24.68 -9.49 -36.53
C GLU A 803 -24.10 -10.53 -35.59
N LYS A 804 -22.81 -10.83 -35.77
CA LYS A 804 -22.16 -11.95 -35.11
C LYS A 804 -21.91 -11.70 -33.62
N PHE A 805 -21.31 -10.55 -33.29
CA PHE A 805 -20.81 -10.29 -31.94
C PHE A 805 -21.67 -9.34 -31.09
N GLY A 806 -22.80 -8.88 -31.62
CA GLY A 806 -23.68 -7.96 -30.91
C GLY A 806 -23.15 -6.54 -30.93
N LYS A 807 -24.05 -5.58 -31.05
CA LYS A 807 -23.68 -4.16 -31.16
C LYS A 807 -23.10 -3.61 -29.86
N ASN A 808 -23.62 -4.07 -28.73
CA ASN A 808 -23.27 -3.52 -27.42
C ASN A 808 -21.95 -4.01 -26.81
N ASP A 809 -21.20 -4.83 -27.54
CA ASP A 809 -19.85 -5.19 -27.12
C ASP A 809 -18.93 -3.97 -27.33
N ILE A 810 -18.90 -3.11 -26.31
CA ILE A 810 -18.19 -1.83 -26.37
C ILE A 810 -16.69 -1.95 -26.65
N ASN A 811 -16.05 -2.99 -26.15
CA ASN A 811 -14.59 -3.08 -26.18
C ASN A 811 -14.02 -3.53 -27.51
N GLY A 812 -14.69 -4.46 -28.17
CA GLY A 812 -14.31 -4.88 -29.52
C GLY A 812 -14.35 -3.74 -30.51
N LEU A 813 -15.35 -2.87 -30.35
CA LEU A 813 -15.50 -1.69 -31.19
C LEU A 813 -14.26 -0.79 -31.05
N LEU A 814 -13.92 -0.43 -29.81
CA LEU A 814 -12.77 0.43 -29.55
C LEU A 814 -11.48 -0.13 -30.14
N PHE A 815 -11.31 -1.44 -30.05
CA PHE A 815 -10.14 -2.11 -30.62
C PHE A 815 -10.02 -1.81 -32.10
N LEU A 816 -11.12 -2.03 -32.83
CA LEU A 816 -11.15 -1.76 -34.27
C LEU A 816 -10.86 -0.29 -34.55
N TYR A 817 -11.51 0.59 -33.81
CA TYR A 817 -11.38 2.02 -34.06
C TYR A 817 -9.92 2.47 -34.11
N ARG A 818 -9.09 1.97 -33.20
CA ARG A 818 -7.69 2.41 -33.16
C ARG A 818 -6.88 1.83 -34.32
N TYR A 819 -7.45 0.84 -35.01
CA TYR A 819 -6.90 0.33 -36.27
C TYR A 819 -7.74 0.76 -37.47
N ARG A 820 -8.23 1.99 -37.45
CA ARG A 820 -9.05 2.50 -38.56
C ARG A 820 -8.21 2.84 -39.80
N ASP A 821 -6.95 3.22 -39.59
CA ASP A 821 -6.03 3.45 -40.71
C ASP A 821 -5.77 2.17 -41.51
N ASP A 822 -5.18 1.17 -40.87
CA ASP A 822 -4.79 -0.06 -41.56
C ASP A 822 -5.97 -0.96 -41.94
N VAL A 823 -7.14 -0.71 -41.35
CA VAL A 823 -8.36 -1.45 -41.67
C VAL A 823 -9.56 -0.50 -41.76
N PRO A 824 -9.87 -0.01 -42.97
CA PRO A 824 -11.04 0.86 -43.14
C PRO A 824 -12.35 0.07 -43.16
N ILE A 825 -13.32 0.52 -42.35
CA ILE A 825 -14.61 -0.17 -42.24
C ILE A 825 -15.78 0.80 -42.09
N GLY A 826 -15.60 2.03 -42.58
CA GLY A 826 -16.55 3.10 -42.30
C GLY A 826 -16.30 3.65 -40.92
N SER A 827 -15.07 4.10 -40.71
CA SER A 827 -14.61 4.60 -39.41
C SER A 827 -15.60 5.58 -38.76
N SER A 828 -16.31 6.34 -39.57
CA SER A 828 -17.34 7.26 -39.08
C SER A 828 -18.58 6.53 -38.56
N ASN A 829 -19.00 5.48 -39.27
CA ASN A 829 -20.15 4.68 -38.84
C ASN A 829 -19.80 3.77 -37.64
N LEU A 830 -18.52 3.47 -37.47
CA LEU A 830 -18.03 2.82 -36.26
C LEU A 830 -18.11 3.78 -35.08
N LYS A 831 -17.55 4.97 -35.28
CA LYS A 831 -17.50 6.01 -34.26
C LYS A 831 -18.88 6.25 -33.61
N GLU A 832 -19.91 6.40 -34.43
CA GLU A 832 -21.25 6.67 -33.91
C GLU A 832 -21.87 5.43 -33.25
N MET A 833 -21.58 4.25 -33.79
CA MET A 833 -22.05 3.01 -33.20
C MET A 833 -21.54 2.89 -31.76
N ILE A 834 -20.29 3.30 -31.56
CA ILE A 834 -19.67 3.35 -30.24
C ILE A 834 -20.38 4.37 -29.35
N ILE A 835 -20.61 5.57 -29.89
CA ILE A 835 -21.27 6.64 -29.15
C ILE A 835 -22.69 6.24 -28.70
N SER A 836 -23.40 5.50 -29.53
CA SER A 836 -24.74 4.99 -29.17
C SER A 836 -24.66 3.89 -28.12
N SER A 837 -23.54 3.17 -28.08
CA SER A 837 -23.30 2.12 -27.08
C SER A 837 -22.80 2.65 -25.72
N LEU A 838 -22.56 3.95 -25.60
CA LEU A 838 -22.07 4.55 -24.35
C LEU A 838 -23.17 4.80 -23.30
N SER A 839 -24.41 4.97 -23.76
CA SER A 839 -25.55 5.31 -22.88
C SER A 839 -25.61 4.57 -21.53
N PRO A 840 -25.45 3.23 -21.53
CA PRO A 840 -25.49 2.49 -20.26
C PRO A 840 -24.32 2.71 -19.29
N LEU A 841 -23.23 3.31 -19.77
CA LEU A 841 -22.05 3.53 -18.92
C LEU A 841 -22.25 4.69 -17.96
N GLU A 842 -21.46 4.71 -16.89
CA GLU A 842 -21.54 5.77 -15.88
C GLU A 842 -20.91 7.05 -16.43
N PRO A 843 -21.39 8.21 -15.97
CA PRO A 843 -20.98 9.53 -16.48
C PRO A 843 -19.49 9.65 -16.82
N HIS A 844 -18.64 9.39 -15.84
CA HIS A 844 -17.19 9.55 -16.01
C HIS A 844 -16.63 8.66 -17.12
N SER A 845 -17.15 7.44 -17.21
CA SER A 845 -16.69 6.47 -18.21
C SER A 845 -17.09 6.90 -19.62
N GLN A 846 -18.29 7.48 -19.77
CA GLN A 846 -18.74 8.01 -21.05
C GLN A 846 -17.84 9.16 -21.49
N ASN A 847 -17.70 10.16 -20.62
CA ASN A 847 -16.87 11.34 -20.88
C ASN A 847 -15.44 11.01 -21.29
N GLU A 848 -14.81 10.08 -20.57
CA GLU A 848 -13.39 9.77 -20.80
C GLU A 848 -13.15 9.06 -22.13
N ILE A 849 -14.08 8.18 -22.52
CA ILE A 849 -14.02 7.55 -23.85
C ILE A 849 -14.26 8.60 -24.93
N LEU A 850 -15.33 9.38 -24.77
CA LEU A 850 -15.64 10.50 -25.67
C LEU A 850 -14.45 11.43 -25.87
N GLN A 851 -13.68 11.64 -24.82
CA GLN A 851 -12.63 12.65 -24.82
C GLN A 851 -11.22 12.11 -25.15
N TYR A 852 -10.92 10.88 -24.74
CA TYR A 852 -9.54 10.38 -24.79
C TYR A 852 -9.26 9.18 -25.71
N TYR A 853 -10.26 8.35 -26.02
CA TYR A 853 -10.02 7.20 -26.90
C TYR A 853 -10.43 7.47 -28.37
N LEU A 854 -11.51 8.24 -28.56
CA LEU A 854 -11.96 8.61 -29.92
C LEU A 854 -11.21 9.84 -30.43
N PRO B 2 -15.97 -8.19 5.09
CA PRO B 2 -15.41 -8.08 6.43
C PRO B 2 -13.88 -8.08 6.37
N ILE B 3 -13.25 -7.85 7.53
CA ILE B 3 -11.80 -7.76 7.61
C ILE B 3 -11.21 -9.04 8.19
N ASN B 4 -10.22 -9.57 7.48
CA ASN B 4 -9.53 -10.79 7.89
C ASN B 4 -8.21 -10.45 8.57
N ILE B 5 -7.78 -11.27 9.52
CA ILE B 5 -6.50 -11.09 10.22
C ILE B 5 -5.63 -12.33 10.11
N ARG B 6 -4.46 -12.18 9.50
CA ARG B 6 -3.54 -13.29 9.29
C ARG B 6 -2.09 -12.83 9.40
N ARG B 7 -1.16 -13.78 9.35
CA ARG B 7 0.28 -13.50 9.36
C ARG B 7 0.69 -12.82 8.07
N ALA B 8 1.85 -12.19 8.10
CA ALA B 8 2.39 -11.53 6.93
C ALA B 8 3.34 -12.47 6.22
N THR B 9 3.40 -12.35 4.90
CA THR B 9 4.42 -13.02 4.09
C THR B 9 5.01 -12.05 3.09
N ILE B 10 6.11 -12.45 2.47
CA ILE B 10 6.75 -11.67 1.40
C ILE B 10 5.73 -11.14 0.38
N ASN B 11 4.68 -11.90 0.12
CA ASN B 11 3.66 -11.49 -0.86
C ASN B 11 2.78 -10.32 -0.44
N ASP B 12 2.97 -9.83 0.78
CA ASP B 12 2.21 -8.68 1.26
C ASP B 12 3.02 -7.41 1.31
N ILE B 13 4.36 -7.49 1.22
CA ILE B 13 5.21 -6.33 1.51
C ILE B 13 5.05 -5.15 0.54
N ILE B 14 4.77 -5.42 -0.73
CA ILE B 14 4.52 -4.33 -1.68
C ILE B 14 3.27 -3.54 -1.28
N CYS B 15 2.23 -4.25 -0.85
CA CYS B 15 1.00 -3.63 -0.34
C CYS B 15 1.18 -3.04 1.06
N MET B 16 2.03 -3.66 1.86
CA MET B 16 2.42 -3.07 3.14
C MET B 16 3.13 -1.74 2.93
N GLN B 17 4.10 -1.72 2.01
CA GLN B 17 4.79 -0.48 1.64
C GLN B 17 3.80 0.56 1.19
N ASN B 18 2.85 0.13 0.35
CA ASN B 18 1.87 1.03 -0.22
C ASN B 18 0.94 1.64 0.84
N ALA B 19 0.56 0.84 1.84
CA ALA B 19 -0.22 1.34 2.96
C ALA B 19 0.59 2.31 3.82
N ASN B 20 1.86 1.98 4.03
CA ASN B 20 2.78 2.86 4.77
C ASN B 20 2.91 4.23 4.11
N LEU B 21 3.14 4.22 2.80
CA LEU B 21 3.24 5.44 2.03
C LEU B 21 1.98 6.29 2.08
N HIS B 22 0.82 5.64 2.13
CA HIS B 22 -0.45 6.37 2.18
C HIS B 22 -0.73 6.92 3.58
N ASN B 23 -0.34 6.19 4.62
CA ASN B 23 -0.76 6.51 5.98
C ASN B 23 0.27 7.16 6.91
N LEU B 24 1.54 7.20 6.51
CA LEU B 24 2.59 7.72 7.40
C LEU B 24 3.61 8.59 6.68
N PRO B 25 4.18 9.57 7.39
CA PRO B 25 5.28 10.34 6.79
C PRO B 25 6.61 9.60 6.84
N GLU B 26 6.69 8.54 7.65
CA GLU B 26 7.91 7.75 7.74
C GLU B 26 7.81 6.57 6.79
N ASN B 27 8.68 6.57 5.78
CA ASN B 27 8.65 5.57 4.71
C ASN B 27 10.01 4.94 4.51
N TYR B 28 10.01 3.67 4.11
CA TYR B 28 11.22 2.89 3.89
C TYR B 28 11.21 2.27 2.51
N MET B 29 12.38 1.88 2.03
CA MET B 29 12.51 1.25 0.72
C MET B 29 12.20 -0.24 0.81
N MET B 30 11.88 -0.83 -0.33
CA MET B 30 11.41 -2.21 -0.39
C MET B 30 12.39 -3.18 0.26
N LYS B 31 13.69 -2.89 0.14
CA LYS B 31 14.69 -3.74 0.78
C LYS B 31 14.50 -3.80 2.29
N TYR B 32 14.03 -2.73 2.89
CA TYR B 32 13.89 -2.73 4.34
C TYR B 32 12.78 -3.69 4.76
N TYR B 33 11.70 -3.72 3.97
CA TYR B 33 10.58 -4.63 4.20
C TYR B 33 11.04 -6.08 3.98
N MET B 34 11.87 -6.30 2.97
CA MET B 34 12.43 -7.64 2.73
C MET B 34 13.26 -8.08 3.92
N TYR B 35 14.12 -7.19 4.39
CA TYR B 35 14.95 -7.38 5.59
C TYR B 35 14.12 -7.79 6.81
N HIS B 36 12.91 -7.26 6.92
CA HIS B 36 11.99 -7.62 8.01
C HIS B 36 11.39 -9.01 7.85
N ILE B 37 10.74 -9.24 6.71
CA ILE B 37 9.92 -10.43 6.53
C ILE B 37 10.76 -11.69 6.31
N LEU B 38 12.02 -11.50 5.92
CA LEU B 38 12.94 -12.62 5.74
C LEU B 38 13.84 -12.81 6.96
N SER B 39 13.69 -11.95 7.96
CA SER B 39 14.42 -12.07 9.22
C SER B 39 13.52 -12.55 10.33
N TRP B 40 12.30 -12.01 10.40
CA TRP B 40 11.34 -12.40 11.43
C TRP B 40 10.01 -12.76 10.79
N PRO B 41 9.98 -13.85 10.02
CA PRO B 41 8.83 -14.25 9.20
C PRO B 41 7.63 -14.78 9.99
N GLU B 42 7.67 -14.66 11.32
CA GLU B 42 6.54 -14.99 12.18
C GLU B 42 5.98 -13.79 12.93
N ALA B 43 6.63 -12.63 12.82
CA ALA B 43 6.32 -11.48 13.68
C ALA B 43 5.27 -10.50 13.10
N SER B 44 5.26 -10.32 11.78
CA SER B 44 4.37 -9.35 11.16
C SER B 44 3.02 -9.94 10.77
N PHE B 45 1.98 -9.11 10.84
CA PHE B 45 0.61 -9.51 10.52
C PHE B 45 -0.04 -8.43 9.67
N VAL B 46 -1.08 -8.80 8.94
CA VAL B 46 -1.79 -7.88 8.06
C VAL B 46 -3.29 -8.03 8.18
N ALA B 47 -4.00 -7.01 7.70
CA ALA B 47 -5.46 -7.00 7.70
C ALA B 47 -5.93 -6.78 6.26
N THR B 48 -6.74 -7.69 5.76
CA THR B 48 -7.27 -7.58 4.41
C THR B 48 -8.80 -7.67 4.40
N THR B 49 -9.39 -7.28 3.29
CA THR B 49 -10.80 -7.58 3.02
C THR B 49 -10.90 -8.99 2.45
N THR B 50 -12.12 -9.53 2.41
CA THR B 50 -12.35 -10.90 1.93
C THR B 50 -13.64 -10.97 1.11
N THR B 51 -13.57 -11.65 -0.04
CA THR B 51 -14.74 -11.95 -0.86
C THR B 51 -14.96 -13.46 -0.85
N LEU B 52 -16.10 -13.89 -0.33
CA LEU B 52 -16.41 -15.32 -0.23
C LEU B 52 -17.41 -15.73 -1.31
N ASP B 53 -17.67 -17.03 -1.40
CA ASP B 53 -18.55 -17.59 -2.44
C ASP B 53 -19.98 -17.72 -1.94
N PRO B 83 -3.50 -1.02 -6.24
CA PRO B 83 -2.26 -0.77 -5.49
C PRO B 83 -2.12 -1.66 -4.26
N THR B 84 -3.22 -1.80 -3.51
CA THR B 84 -3.26 -2.67 -2.34
C THR B 84 -3.87 -4.05 -2.63
N TYR B 85 -4.29 -4.28 -3.87
CA TYR B 85 -4.89 -5.56 -4.26
C TYR B 85 -3.83 -6.66 -4.36
N LEU B 86 -3.98 -7.68 -3.51
CA LEU B 86 -3.11 -8.85 -3.49
C LEU B 86 -3.67 -9.94 -4.41
N ALA B 87 -4.95 -10.25 -4.20
CA ALA B 87 -5.68 -11.25 -4.99
C ALA B 87 -6.99 -10.61 -5.46
N PRO B 88 -7.76 -11.34 -6.29
CA PRO B 88 -9.12 -10.85 -6.60
C PRO B 88 -9.98 -10.75 -5.33
N GLY B 89 -10.54 -9.57 -5.08
CA GLY B 89 -11.41 -9.35 -3.92
C GLY B 89 -10.67 -9.00 -2.64
N GLU B 90 -9.57 -9.70 -2.36
CA GLU B 90 -8.77 -9.48 -1.17
C GLU B 90 -7.79 -8.32 -1.39
N LYS B 91 -7.79 -7.35 -0.49
CA LYS B 91 -6.88 -6.20 -0.55
C LYS B 91 -6.52 -5.73 0.85
N LEU B 92 -5.29 -5.25 1.02
CA LEU B 92 -4.74 -4.95 2.34
C LEU B 92 -5.19 -3.60 2.85
N VAL B 93 -5.82 -3.59 4.02
CA VAL B 93 -6.24 -2.34 4.66
C VAL B 93 -5.38 -1.95 5.87
N GLY B 94 -4.62 -2.89 6.43
CA GLY B 94 -3.72 -2.60 7.55
C GLY B 94 -2.52 -3.53 7.63
N TYR B 95 -1.58 -3.19 8.51
CA TYR B 95 -0.38 -3.99 8.73
C TYR B 95 0.27 -3.57 10.05
N VAL B 96 1.07 -4.47 10.62
CA VAL B 96 1.94 -4.18 11.74
C VAL B 96 3.31 -4.76 11.42
N LEU B 97 4.30 -3.88 11.28
CA LEU B 97 5.64 -4.27 10.84
C LEU B 97 6.53 -4.39 12.05
N VAL B 98 7.07 -5.60 12.25
CA VAL B 98 7.69 -5.96 13.52
C VAL B 98 9.08 -6.55 13.34
N LYS B 99 9.97 -6.26 14.28
CA LYS B 99 11.30 -6.84 14.30
C LYS B 99 11.84 -7.06 15.72
N MET B 100 12.99 -7.72 15.80
CA MET B 100 13.73 -7.85 17.04
C MET B 100 14.91 -6.90 16.98
N ASN B 101 15.42 -6.51 18.13
CA ASN B 101 16.52 -5.57 18.21
C ASN B 101 17.83 -6.27 17.88
N ASP B 102 18.54 -5.76 16.87
CA ASP B 102 19.76 -6.41 16.39
C ASP B 102 20.90 -5.42 16.16
N ASP B 103 21.11 -4.53 17.13
CA ASP B 103 22.15 -3.50 17.06
C ASP B 103 23.50 -4.06 17.51
N GLN B 107 22.06 -5.11 21.13
CA GLN B 107 23.13 -5.71 21.92
C GLN B 107 23.82 -4.64 22.78
N ASN B 108 24.20 -4.97 24.01
CA ASN B 108 24.01 -6.30 24.62
C ASN B 108 23.01 -6.27 25.77
N GLU B 109 21.75 -6.55 25.45
CA GLU B 109 20.66 -6.62 26.41
C GLU B 109 19.94 -7.96 26.23
N PRO B 110 19.00 -8.30 27.13
CA PRO B 110 18.18 -9.47 26.85
C PRO B 110 17.24 -9.22 25.67
N PRO B 111 16.76 -10.29 25.02
CA PRO B 111 16.04 -10.14 23.75
C PRO B 111 14.85 -9.18 23.85
N ASN B 112 14.82 -8.17 22.98
CA ASN B 112 13.67 -7.26 22.92
C ASN B 112 13.22 -6.99 21.50
N GLY B 113 11.99 -6.48 21.38
CA GLY B 113 11.37 -6.25 20.09
C GLY B 113 11.12 -4.79 19.79
N HIS B 114 10.78 -4.50 18.55
CA HIS B 114 10.47 -3.14 18.14
C HIS B 114 9.33 -3.15 17.13
N ILE B 115 8.37 -2.27 17.33
CA ILE B 115 7.30 -2.06 16.36
C ILE B 115 7.78 -0.99 15.40
N THR B 116 8.09 -1.42 14.18
CA THR B 116 8.67 -0.52 13.21
C THR B 116 7.59 0.43 12.66
N SER B 117 6.45 -0.11 12.25
CA SER B 117 5.36 0.70 11.67
C SER B 117 3.97 0.09 11.91
N LEU B 118 2.96 0.94 11.85
CA LEU B 118 1.57 0.50 12.00
C LEU B 118 0.64 1.48 11.30
N SER B 119 -0.13 0.97 10.34
CA SER B 119 -1.13 1.77 9.65
C SER B 119 -2.42 0.99 9.49
N VAL B 120 -3.52 1.72 9.36
CA VAL B 120 -4.79 1.17 8.95
C VAL B 120 -5.44 2.22 8.08
N MET B 121 -5.72 1.88 6.82
CA MET B 121 -6.31 2.83 5.89
C MET B 121 -7.44 3.56 6.62
N ARG B 122 -7.56 4.87 6.37
CA ARG B 122 -8.47 5.71 7.15
C ARG B 122 -9.94 5.26 7.12
N THR B 123 -10.37 4.76 5.97
CA THR B 123 -11.76 4.31 5.82
C THR B 123 -12.08 3.07 6.67
N TYR B 124 -11.05 2.35 7.12
CA TYR B 124 -11.22 1.15 7.95
C TYR B 124 -10.75 1.31 9.40
N ARG B 125 -10.53 2.56 9.83
CA ARG B 125 -10.10 2.85 11.19
C ARG B 125 -11.28 2.75 12.17
N ARG B 126 -10.96 2.85 13.46
CA ARG B 126 -11.95 2.88 14.54
C ARG B 126 -12.88 1.66 14.51
N MET B 127 -12.26 0.48 14.38
CA MET B 127 -12.99 -0.78 14.35
C MET B 127 -12.32 -1.89 15.19
N GLY B 128 -11.10 -1.62 15.68
CA GLY B 128 -10.34 -2.61 16.46
C GLY B 128 -9.34 -3.42 15.64
N ILE B 129 -9.02 -2.96 14.43
CA ILE B 129 -8.05 -3.61 13.57
C ILE B 129 -6.64 -3.53 14.14
N ALA B 130 -6.25 -2.32 14.57
CA ALA B 130 -4.91 -2.11 15.12
C ALA B 130 -4.69 -2.94 16.38
N GLU B 131 -5.72 -3.03 17.22
CA GLU B 131 -5.64 -3.83 18.44
C GLU B 131 -5.34 -5.30 18.11
N ASN B 132 -6.04 -5.85 17.13
CA ASN B 132 -5.88 -7.25 16.76
C ASN B 132 -4.52 -7.52 16.14
N LEU B 133 -4.07 -6.63 15.28
CA LEU B 133 -2.72 -6.73 14.72
C LEU B 133 -1.70 -6.66 15.85
N MET B 134 -1.81 -5.62 16.68
CA MET B 134 -0.84 -5.43 17.75
C MET B 134 -0.82 -6.57 18.76
N ARG B 135 -1.98 -7.09 19.13
CA ARG B 135 -2.04 -8.16 20.12
C ARG B 135 -1.36 -9.43 19.60
N GLN B 136 -1.60 -9.74 18.33
CA GLN B 136 -0.98 -10.90 17.70
C GLN B 136 0.53 -10.77 17.63
N ALA B 137 0.99 -9.60 17.21
CA ALA B 137 2.42 -9.29 17.13
C ALA B 137 3.11 -9.31 18.49
N LEU B 138 2.42 -8.85 19.53
CA LEU B 138 2.98 -8.89 20.88
C LEU B 138 3.17 -10.34 21.34
N PHE B 139 2.15 -11.18 21.09
CA PHE B 139 2.22 -12.60 21.45
C PHE B 139 3.29 -13.34 20.63
N ALA B 140 3.39 -12.98 19.34
CA ALA B 140 4.41 -13.53 18.46
C ALA B 140 5.81 -13.24 19.00
N LEU B 141 6.10 -11.97 19.26
CA LEU B 141 7.42 -11.57 19.74
C LEU B 141 7.90 -12.37 20.97
N ARG B 142 6.98 -12.72 21.86
CA ARG B 142 7.30 -13.51 23.06
C ARG B 142 7.36 -14.98 22.69
N GLU B 143 6.26 -15.51 22.16
CA GLU B 143 6.16 -16.93 21.84
C GLU B 143 7.29 -17.40 20.94
N VAL B 144 7.57 -16.64 19.89
CA VAL B 144 8.57 -17.03 18.90
C VAL B 144 9.98 -16.66 19.35
N HIS B 145 10.18 -15.41 19.79
CA HIS B 145 11.52 -14.88 20.03
C HIS B 145 11.83 -14.57 21.50
N GLN B 146 10.98 -15.03 22.41
CA GLN B 146 11.21 -14.85 23.86
C GLN B 146 11.57 -13.40 24.22
N ALA B 147 11.02 -12.44 23.48
CA ALA B 147 11.29 -11.04 23.74
C ALA B 147 10.72 -10.70 25.10
N GLU B 148 11.57 -10.16 25.98
CA GLU B 148 11.17 -9.83 27.33
C GLU B 148 10.50 -8.46 27.41
N TYR B 149 10.70 -7.63 26.38
CA TYR B 149 9.95 -6.37 26.24
C TYR B 149 9.90 -5.89 24.80
N VAL B 150 9.18 -4.79 24.57
CA VAL B 150 9.02 -4.22 23.24
C VAL B 150 9.05 -2.69 23.30
N SER B 151 9.66 -2.03 22.32
CA SER B 151 9.69 -0.56 22.24
C SER B 151 9.08 -0.03 20.95
N LEU B 152 8.67 1.23 20.95
CA LEU B 152 8.29 1.92 19.72
C LEU B 152 8.41 3.44 19.85
N HIS B 153 8.22 4.15 18.75
CA HIS B 153 8.20 5.61 18.75
C HIS B 153 6.84 6.09 18.27
N VAL B 154 6.34 7.17 18.86
CA VAL B 154 5.03 7.70 18.48
C VAL B 154 4.94 9.20 18.71
N ARG B 155 4.46 9.91 17.70
CA ARG B 155 4.29 11.37 17.74
C ARG B 155 3.46 11.81 18.94
N GLN B 156 3.78 12.98 19.48
CA GLN B 156 3.03 13.53 20.62
C GLN B 156 1.58 13.83 20.23
N SER B 157 1.41 14.56 19.13
CA SER B 157 0.10 15.03 18.69
C SER B 157 -0.84 13.92 18.17
N ASN B 158 -0.32 12.71 17.99
CA ASN B 158 -1.09 11.62 17.44
C ASN B 158 -1.99 11.00 18.51
N ARG B 159 -3.21 11.53 18.65
CA ARG B 159 -4.14 11.11 19.72
C ARG B 159 -4.56 9.63 19.61
N ALA B 160 -4.93 9.25 18.39
CA ALA B 160 -5.39 7.89 18.09
C ALA B 160 -4.32 6.86 18.44
N ALA B 161 -3.09 7.15 18.07
CA ALA B 161 -1.98 6.25 18.33
C ALA B 161 -1.68 6.16 19.82
N LEU B 162 -1.79 7.28 20.53
CA LEU B 162 -1.53 7.32 21.98
C LEU B 162 -2.55 6.51 22.76
N HIS B 163 -3.83 6.70 22.45
CA HIS B 163 -4.91 5.96 23.07
C HIS B 163 -4.64 4.46 22.94
N LEU B 164 -4.35 4.02 21.72
CA LEU B 164 -4.07 2.61 21.44
C LEU B 164 -2.97 2.04 22.33
N TYR B 165 -1.85 2.74 22.42
CA TYR B 165 -0.68 2.22 23.14
C TYR B 165 -0.80 2.43 24.63
N ARG B 166 -1.12 3.66 25.04
CA ARG B 166 -1.25 3.99 26.46
C ARG B 166 -2.51 3.38 27.07
N ASP B 167 -3.68 3.65 26.48
CA ASP B 167 -4.93 3.15 27.04
C ASP B 167 -5.15 1.67 26.72
N THR B 168 -5.49 1.36 25.46
CA THR B 168 -5.91 0.02 25.07
C THR B 168 -4.89 -1.07 25.40
N LEU B 169 -3.63 -0.82 25.10
CA LEU B 169 -2.58 -1.83 25.20
C LEU B 169 -1.74 -1.73 26.46
N ALA B 170 -1.88 -0.63 27.20
CA ALA B 170 -1.09 -0.41 28.41
C ALA B 170 0.43 -0.46 28.16
N PHE B 171 0.93 0.57 27.47
CA PHE B 171 2.37 0.79 27.30
C PHE B 171 2.79 1.90 28.26
N GLU B 172 3.97 1.79 28.85
CA GLU B 172 4.52 2.88 29.65
C GLU B 172 5.36 3.81 28.76
N VAL B 173 5.32 5.10 29.05
CA VAL B 173 6.17 6.07 28.36
C VAL B 173 7.59 5.98 28.94
N LEU B 174 8.50 5.44 28.16
CA LEU B 174 9.88 5.29 28.60
C LEU B 174 10.59 6.62 28.64
N SER B 175 10.28 7.49 27.69
CA SER B 175 11.02 8.74 27.53
C SER B 175 10.29 9.71 26.61
N ILE B 176 10.88 10.90 26.46
CA ILE B 176 10.51 11.82 25.40
C ILE B 176 11.75 11.93 24.53
N GLU B 177 11.54 11.95 23.21
CA GLU B 177 12.64 12.08 22.28
C GLU B 177 12.42 13.35 21.48
N LYS B 178 13.20 14.37 21.78
CA LYS B 178 13.00 15.68 21.19
C LYS B 178 13.44 15.69 19.74
N SER B 179 12.59 16.22 18.88
CA SER B 179 12.91 16.36 17.47
C SER B 179 13.32 15.03 16.83
N TYR B 180 12.46 14.02 16.98
CA TYR B 180 12.71 12.68 16.45
C TYR B 180 12.42 12.57 14.95
N TYR B 181 11.24 13.05 14.54
CA TYR B 181 10.80 12.95 13.15
C TYR B 181 11.41 14.05 12.28
N GLN B 182 11.36 13.83 10.97
CA GLN B 182 12.00 14.72 10.00
C GLN B 182 11.39 16.13 10.03
N ASP B 183 10.08 16.20 10.24
CA ASP B 183 9.39 17.50 10.32
C ASP B 183 9.65 18.24 11.65
N GLY B 184 10.37 17.59 12.57
CA GLY B 184 10.82 18.23 13.80
C GLY B 184 10.00 17.88 15.03
N GLU B 185 8.94 17.10 14.87
CA GLU B 185 8.05 16.78 15.98
C GLU B 185 8.71 15.82 16.98
N ASP B 186 8.48 16.07 18.27
CA ASP B 186 8.96 15.18 19.33
C ASP B 186 8.26 13.83 19.27
N ALA B 187 8.85 12.85 19.94
CA ALA B 187 8.29 11.51 20.01
C ALA B 187 8.31 11.04 21.46
N TYR B 188 7.31 10.24 21.81
CA TYR B 188 7.37 9.47 23.04
C TYR B 188 8.05 8.16 22.73
N ALA B 189 9.05 7.79 23.50
CA ALA B 189 9.62 6.45 23.43
C ALA B 189 8.79 5.59 24.37
N MET B 190 8.10 4.59 23.81
CA MET B 190 7.21 3.75 24.61
C MET B 190 7.79 2.36 24.81
N LYS B 191 7.27 1.65 25.81
CA LYS B 191 7.77 0.31 26.14
C LYS B 191 6.69 -0.54 26.81
N LYS B 192 6.72 -1.84 26.56
CA LYS B 192 5.87 -2.77 27.27
C LYS B 192 6.60 -4.06 27.57
N VAL B 193 6.51 -4.53 28.81
CA VAL B 193 7.08 -5.81 29.21
C VAL B 193 6.15 -6.92 28.74
N LEU B 194 6.71 -8.07 28.40
CA LEU B 194 5.97 -9.17 27.78
C LEU B 194 6.05 -10.48 28.58
N LYS B 195 4.88 -11.01 28.94
CA LYS B 195 4.76 -12.28 29.63
C LYS B 195 3.77 -13.15 28.85
N LEU B 196 4.11 -14.41 28.63
CA LEU B 196 3.38 -15.26 27.67
C LEU B 196 1.89 -15.45 28.01
N GLU B 197 1.58 -15.79 29.25
CA GLU B 197 0.19 -16.08 29.64
C GLU B 197 -0.69 -14.83 29.66
N GLU B 198 -0.09 -13.68 29.99
CA GLU B 198 -0.80 -12.40 29.94
C GLU B 198 -1.24 -12.07 28.51
N LEU B 199 -0.41 -12.42 27.52
CA LEU B 199 -0.62 -12.00 26.13
C LEU B 199 -1.49 -12.92 25.27
N GLN B 200 -2.02 -14.01 25.82
CA GLN B 200 -2.76 -14.97 25.01
C GLN B 200 -4.08 -14.39 24.49
N ILE B 201 -4.38 -14.66 23.23
CA ILE B 201 -5.46 -13.99 22.51
C ILE B 201 -6.85 -14.32 23.09
N SER B 202 -6.95 -15.44 23.79
CA SER B 202 -8.19 -15.81 24.49
C SER B 202 -8.53 -14.84 25.63
N ASN B 203 -7.51 -14.21 26.22
CA ASN B 203 -7.71 -13.30 27.36
C ASN B 203 -8.55 -12.04 27.06
N PHE B 204 -8.58 -11.61 25.80
CA PHE B 204 -9.19 -10.33 25.43
C PHE B 204 -10.37 -10.53 24.47
N THR B 205 -11.05 -11.66 24.60
CA THR B 205 -12.13 -12.04 23.70
C THR B 205 -13.39 -11.21 23.94
N HIS B 206 -13.56 -10.77 25.18
CA HIS B 206 -14.72 -9.99 25.58
C HIS B 206 -14.33 -8.56 25.91
N ARG B 207 -15.02 -7.60 25.30
CA ARG B 207 -14.85 -6.17 25.57
C ARG B 207 -15.02 -5.87 27.06
N ARG B 208 -16.19 -6.24 27.59
CA ARG B 208 -16.45 -6.22 29.02
C ARG B 208 -15.70 -7.36 29.72
N LYS B 215 -18.82 -15.39 29.42
CA LYS B 215 -17.39 -15.67 29.38
C LYS B 215 -17.08 -17.14 29.04
N LEU B 216 -17.94 -17.75 28.22
CA LEU B 216 -17.79 -19.16 27.86
C LEU B 216 -16.67 -19.33 26.84
N GLU B 217 -15.83 -20.35 27.05
CA GLU B 217 -14.66 -20.59 26.20
C GLU B 217 -14.84 -21.83 25.35
N ASP B 218 -13.80 -22.14 24.57
CA ASP B 218 -13.68 -23.41 23.88
C ASP B 218 -12.54 -24.18 24.53
N ASP B 219 -12.89 -25.31 25.16
CA ASP B 219 -11.93 -26.15 25.86
C ASP B 219 -11.17 -27.06 24.88
N LEU B 220 -11.67 -27.15 23.65
CA LEU B 220 -11.08 -27.96 22.57
C LEU B 220 -11.61 -29.40 22.63
N GLU B 221 -11.64 -29.98 23.82
CA GLU B 221 -12.28 -31.28 24.03
C GLU B 221 -13.76 -31.17 23.67
N SER B 222 -14.27 -32.21 23.01
CA SER B 222 -15.62 -32.25 22.45
C SER B 222 -16.73 -31.70 23.37
N ASP B 223 -17.86 -31.24 22.82
CA ASP B 223 -18.16 -31.20 21.38
C ASP B 223 -18.92 -29.92 21.07
N LEU B 224 -18.91 -29.55 19.79
CA LEU B 224 -19.73 -28.45 19.29
C LEU B 224 -21.04 -29.00 18.72
N LEU B 225 -21.64 -29.97 19.43
CA LEU B 225 -22.96 -30.49 19.11
C LEU B 225 -23.88 -30.48 20.34
N GLU B 226 -23.43 -29.85 21.44
CA GLU B 226 -24.17 -29.86 22.70
C GLU B 226 -25.29 -28.81 22.70
N ARG C 3 -12.91 6.63 31.24
CA ARG C 3 -12.87 8.13 31.13
C ARG C 3 -14.24 8.72 30.78
N ASP C 4 -14.35 10.03 30.95
CA ASP C 4 -15.55 10.75 30.55
C ASP C 4 -15.66 10.71 29.04
N ILE C 5 -16.89 10.65 28.54
CA ILE C 5 -17.15 10.64 27.10
C ILE C 5 -16.67 11.93 26.44
N CYS C 6 -16.67 13.03 27.18
CA CYS C 6 -16.14 14.31 26.72
C CYS C 6 -14.79 14.59 27.37
N THR C 7 -13.73 14.69 26.56
CA THR C 7 -12.41 15.11 27.07
C THR C 7 -11.87 16.27 26.24
N LEU C 8 -10.87 16.94 26.81
CA LEU C 8 -10.21 18.05 26.12
C LEU C 8 -8.81 17.64 25.68
N ASP C 9 -8.29 18.34 24.67
CA ASP C 9 -6.91 18.12 24.19
C ASP C 9 -6.42 19.35 23.44
N ASN C 10 -5.11 19.44 23.27
CA ASN C 10 -4.47 20.66 22.76
C ASN C 10 -4.69 20.88 21.28
N VAL C 11 -4.55 22.13 20.85
CA VAL C 11 -4.54 22.45 19.43
C VAL C 11 -3.09 22.64 18.98
N TYR C 12 -2.77 22.10 17.81
CA TYR C 12 -1.49 22.28 17.15
C TYR C 12 -1.73 22.86 15.77
N ALA C 13 -0.66 23.15 15.03
CA ALA C 13 -0.78 23.68 13.67
C ALA C 13 -1.48 22.71 12.71
N ASN C 14 -1.43 21.41 13.01
CA ASN C 14 -2.06 20.38 12.17
C ASN C 14 -3.59 20.34 12.26
N ASN C 15 -4.13 20.61 13.44
CA ASN C 15 -5.59 20.63 13.64
C ASN C 15 -6.12 22.02 13.95
N LEU C 16 -5.44 23.04 13.42
CA LEU C 16 -5.92 24.43 13.55
C LEU C 16 -7.13 24.66 12.66
N GLY C 17 -7.18 23.94 11.54
CA GLY C 17 -8.32 24.01 10.64
C GLY C 17 -9.58 23.43 11.25
N MET C 18 -9.43 22.53 12.22
CA MET C 18 -10.59 22.02 12.95
C MET C 18 -11.21 23.17 13.71
N LEU C 19 -10.38 23.86 14.46
CA LEU C 19 -10.83 24.95 15.30
C LEU C 19 -11.53 26.05 14.49
N THR C 20 -11.00 26.37 13.31
CA THR C 20 -11.59 27.42 12.47
C THR C 20 -12.96 27.01 11.95
N LYS C 21 -13.13 25.72 11.64
CA LYS C 21 -14.40 25.21 11.15
C LYS C 21 -15.44 25.24 12.26
N LEU C 22 -15.01 24.87 13.46
CA LEU C 22 -15.88 24.95 14.63
C LEU C 22 -16.29 26.40 14.84
N ALA C 23 -15.32 27.29 14.77
CA ALA C 23 -15.56 28.72 14.96
C ALA C 23 -16.42 29.34 13.84
N HIS C 24 -16.28 28.88 12.61
CA HIS C 24 -17.03 29.45 11.50
C HIS C 24 -18.50 29.02 11.47
N VAL C 25 -18.80 27.80 11.94
CA VAL C 25 -20.20 27.37 11.99
C VAL C 25 -20.91 27.89 13.25
N THR C 26 -20.24 27.85 14.40
CA THR C 26 -20.87 28.26 15.66
C THR C 26 -20.96 29.79 15.82
N VAL C 27 -19.96 30.51 15.30
CA VAL C 27 -19.92 31.97 15.39
C VAL C 27 -19.54 32.56 14.04
N PRO C 28 -20.49 32.57 13.08
CA PRO C 28 -20.19 33.11 11.76
C PRO C 28 -19.83 34.59 11.79
N ASN C 29 -18.95 35.00 10.86
CA ASN C 29 -18.65 36.40 10.56
C ASN C 29 -17.69 37.13 11.49
N LEU C 30 -17.50 36.64 12.71
CA LEU C 30 -16.66 37.36 13.70
C LEU C 30 -15.16 37.27 13.42
N TYR C 31 -14.68 36.08 13.10
CA TYR C 31 -13.25 35.79 13.11
C TYR C 31 -12.56 35.91 11.74
N GLN C 32 -11.49 36.69 11.71
CA GLN C 32 -10.67 36.84 10.50
C GLN C 32 -9.85 35.59 10.23
N ASP C 33 -9.46 35.42 8.98
CA ASP C 33 -8.65 34.27 8.58
C ASP C 33 -7.29 34.31 9.29
N ALA C 34 -6.72 35.50 9.38
CA ALA C 34 -5.41 35.70 10.00
C ALA C 34 -5.45 35.53 11.53
N PHE C 35 -6.63 35.68 12.14
CA PHE C 35 -6.79 35.51 13.58
C PHE C 35 -6.26 34.16 14.06
N PHE C 36 -6.57 33.11 13.32
CA PHE C 36 -6.13 31.76 13.69
C PHE C 36 -4.68 31.50 13.31
N SER C 37 -4.21 32.15 12.24
CA SER C 37 -2.81 32.02 11.80
C SER C 37 -1.84 32.44 12.90
N ALA C 38 -2.07 33.63 13.46
CA ALA C 38 -1.19 34.21 14.48
C ALA C 38 -1.03 33.36 15.75
N LEU C 39 -1.87 32.35 15.93
CA LEU C 39 -1.78 31.47 17.09
C LEU C 39 -0.56 30.57 17.00
N PHE C 40 -0.24 30.09 15.80
CA PHE C 40 0.93 29.23 15.59
C PHE C 40 1.96 29.76 14.58
N ALA C 41 1.70 30.95 14.02
CA ALA C 41 2.69 31.65 13.23
C ALA C 41 3.77 32.18 14.17
N GLU C 42 4.99 31.69 14.01
CA GLU C 42 6.11 32.05 14.89
C GLU C 42 7.43 31.50 14.35
N ASP C 57 1.54 38.48 21.95
CA ASP C 57 0.34 37.86 22.48
C ASP C 57 0.64 36.45 23.01
N VAL C 58 0.19 36.17 24.24
CA VAL C 58 0.28 34.83 24.82
C VAL C 58 -1.12 34.21 24.88
N HIS C 59 -1.36 33.23 24.01
CA HIS C 59 -2.69 32.63 23.87
C HIS C 59 -2.81 31.25 24.52
N PHE C 60 -4.05 30.83 24.74
CA PHE C 60 -4.37 29.50 25.23
C PHE C 60 -5.45 28.89 24.36
N THR C 61 -5.17 27.72 23.81
CA THR C 61 -6.07 27.02 22.90
C THR C 61 -6.38 25.64 23.45
N GLN C 62 -7.51 25.10 23.05
CA GLN C 62 -7.97 23.80 23.51
C GLN C 62 -9.15 23.37 22.65
N MET C 63 -9.26 22.07 22.39
CA MET C 63 -10.35 21.52 21.60
C MET C 63 -11.18 20.60 22.50
N ALA C 64 -12.46 20.44 22.17
CA ALA C 64 -13.35 19.56 22.93
C ALA C 64 -13.71 18.35 22.09
N TYR C 65 -13.49 17.16 22.65
CA TYR C 65 -13.79 15.91 21.97
C TYR C 65 -14.97 15.18 22.62
N TYR C 66 -15.87 14.67 21.79
CA TYR C 66 -16.95 13.79 22.23
C TYR C 66 -16.86 12.50 21.43
N SER C 67 -16.48 11.41 22.11
CA SER C 67 -16.20 10.13 21.44
C SER C 67 -15.11 10.27 20.39
N GLU C 68 -14.07 11.04 20.73
CA GLU C 68 -12.91 11.30 19.87
C GLU C 68 -13.26 12.10 18.60
N ILE C 69 -14.35 12.89 18.67
CA ILE C 69 -14.78 13.76 17.57
C ILE C 69 -14.57 15.21 18.00
N PRO C 70 -13.93 16.04 17.16
CA PRO C 70 -13.86 17.47 17.50
C PRO C 70 -15.22 18.14 17.39
N VAL C 71 -15.79 18.55 18.52
CA VAL C 71 -17.12 19.17 18.53
C VAL C 71 -17.17 20.48 19.28
N GLY C 72 -16.01 21.07 19.57
CA GLY C 72 -15.96 22.35 20.24
C GLY C 72 -14.54 22.82 20.47
N GLY C 73 -14.39 24.04 20.99
CA GLY C 73 -13.06 24.59 21.23
C GLY C 73 -13.06 25.86 22.03
N LEU C 74 -11.87 26.29 22.42
CA LEU C 74 -11.69 27.52 23.17
C LEU C 74 -10.45 28.26 22.66
N VAL C 75 -10.55 29.58 22.58
CA VAL C 75 -9.40 30.45 22.37
C VAL C 75 -9.42 31.54 23.45
N ALA C 76 -8.38 31.54 24.27
CA ALA C 76 -8.31 32.43 25.42
C ALA C 76 -6.97 33.16 25.45
N LYS C 77 -7.03 34.43 25.83
CA LYS C 77 -5.88 35.32 25.81
C LYS C 77 -5.50 35.69 27.25
N LEU C 78 -4.21 35.90 27.47
CA LEU C 78 -3.71 36.46 28.72
C LEU C 78 -3.44 37.95 28.50
N VAL C 79 -4.07 38.81 29.30
CA VAL C 79 -3.87 40.25 29.20
C VAL C 79 -3.24 40.80 30.49
N PRO C 80 -2.02 41.36 30.39
CA PRO C 80 -1.37 41.97 31.55
C PRO C 80 -1.85 43.40 31.80
N LEU C 86 -9.75 49.61 32.15
CA LEU C 86 -9.36 49.50 33.55
C LEU C 86 -9.07 48.04 33.90
N SER C 87 -10.08 47.19 33.80
CA SER C 87 -9.93 45.74 34.07
C SER C 87 -11.14 44.92 33.56
N LEU C 88 -11.13 44.40 32.32
CA LEU C 88 -10.08 44.54 31.28
C LEU C 88 -8.69 44.00 31.65
N LYS C 89 -8.66 43.04 32.56
CA LYS C 89 -7.41 42.40 32.99
C LYS C 89 -7.65 40.92 33.22
N GLY C 90 -6.59 40.13 33.05
CA GLY C 90 -6.65 38.70 33.31
C GLY C 90 -6.82 37.88 32.04
N ILE C 91 -7.78 36.96 32.05
CA ILE C 91 -7.99 36.05 30.92
C ILE C 91 -9.21 36.45 30.08
N GLN C 92 -8.96 36.80 28.82
CA GLN C 92 -10.04 37.10 27.87
C GLN C 92 -10.41 35.86 27.08
N ILE C 93 -11.70 35.52 27.09
CA ILE C 93 -12.21 34.50 26.18
C ILE C 93 -12.49 35.18 24.84
N GLU C 94 -11.88 34.66 23.78
CA GLU C 94 -12.04 35.18 22.43
C GLU C 94 -12.86 34.25 21.56
N PHE C 95 -12.85 32.95 21.86
CA PHE C 95 -13.78 32.01 21.25
C PHE C 95 -14.13 30.88 22.20
N LEU C 96 -15.40 30.51 22.25
CA LEU C 96 -15.86 29.35 23.00
C LEU C 96 -17.08 28.78 22.30
N GLY C 97 -16.88 27.76 21.48
CA GLY C 97 -17.96 27.24 20.63
C GLY C 97 -18.14 25.74 20.68
N VAL C 98 -19.38 25.30 20.50
CA VAL C 98 -19.76 23.89 20.46
C VAL C 98 -20.78 23.69 19.35
N LEU C 99 -20.64 22.61 18.59
CA LEU C 99 -21.58 22.31 17.51
C LEU C 99 -22.98 22.21 18.08
N PRO C 100 -24.01 22.55 17.29
CA PRO C 100 -25.38 22.50 17.82
C PRO C 100 -25.75 21.18 18.53
N ASN C 101 -25.65 20.05 17.82
CA ASN C 101 -26.16 18.78 18.33
C ASN C 101 -25.42 18.19 19.53
N TYR C 102 -24.22 18.69 19.82
CA TYR C 102 -23.46 18.26 20.99
C TYR C 102 -23.60 19.22 22.18
N ARG C 103 -24.52 20.17 22.09
CA ARG C 103 -24.79 21.07 23.22
C ARG C 103 -25.63 20.38 24.28
N HIS C 104 -25.64 20.99 25.48
CA HIS C 104 -26.32 20.47 26.66
C HIS C 104 -25.79 19.09 27.06
N LYS C 105 -24.46 18.94 27.06
CA LYS C 105 -23.80 17.73 27.54
C LYS C 105 -22.58 18.09 28.40
N SER C 106 -22.64 19.25 29.05
CA SER C 106 -21.58 19.79 29.92
C SER C 106 -20.33 20.26 29.15
N ILE C 107 -20.37 20.22 27.82
CA ILE C 107 -19.15 20.39 27.01
C ILE C 107 -18.65 21.83 27.07
N GLY C 108 -19.57 22.79 26.89
CA GLY C 108 -19.24 24.21 26.99
C GLY C 108 -18.76 24.59 28.38
N SER C 109 -19.29 23.91 29.39
CA SER C 109 -18.89 24.16 30.77
C SER C 109 -17.45 23.70 31.02
N LYS C 110 -17.09 22.53 30.48
CA LYS C 110 -15.71 22.05 30.59
C LYS C 110 -14.71 23.01 29.95
N LEU C 111 -15.09 23.60 28.82
CA LEU C 111 -14.23 24.55 28.11
C LEU C 111 -14.06 25.83 28.92
N LEU C 112 -15.15 26.28 29.54
CA LEU C 112 -15.12 27.45 30.42
C LEU C 112 -14.26 27.20 31.65
N LYS C 113 -14.42 26.03 32.27
CA LYS C 113 -13.66 25.68 33.46
C LYS C 113 -12.16 25.65 33.16
N PHE C 114 -11.79 25.23 31.96
CA PHE C 114 -10.39 25.25 31.53
C PHE C 114 -9.87 26.69 31.51
N ALA C 115 -10.63 27.61 30.93
CA ALA C 115 -10.25 29.02 30.86
C ALA C 115 -10.13 29.62 32.26
N GLU C 116 -11.04 29.25 33.15
CA GLU C 116 -10.98 29.64 34.55
C GLU C 116 -9.74 29.05 35.24
N ASP C 117 -9.45 27.78 34.95
CA ASP C 117 -8.26 27.13 35.52
C ASP C 117 -6.96 27.83 35.09
N LYS C 118 -6.88 28.27 33.84
CA LYS C 118 -5.69 28.97 33.36
C LYS C 118 -5.55 30.33 34.06
N CYS C 119 -6.68 30.98 34.29
CA CYS C 119 -6.72 32.23 35.06
C CYS C 119 -6.05 32.07 36.41
N SER C 120 -6.41 30.98 37.10
CA SER C 120 -5.82 30.66 38.40
C SER C 120 -4.34 30.30 38.28
N GLU C 121 -4.00 29.50 37.27
CA GLU C 121 -2.61 29.11 37.02
C GLU C 121 -1.71 30.30 36.68
N CYS C 122 -2.27 31.30 36.01
CA CYS C 122 -1.52 32.50 35.64
C CYS C 122 -1.42 33.52 36.79
N HIS C 123 -2.01 33.20 37.94
CA HIS C 123 -2.11 34.14 39.07
C HIS C 123 -2.91 35.38 38.70
N GLN C 124 -3.96 35.18 37.90
CA GLN C 124 -4.89 36.23 37.53
C GLN C 124 -6.20 36.01 38.25
N HIS C 125 -6.96 37.09 38.44
CA HIS C 125 -8.17 37.04 39.26
C HIS C 125 -9.41 37.49 38.51
N ASN C 126 -9.38 37.42 37.17
CA ASN C 126 -10.47 37.92 36.35
C ASN C 126 -10.54 37.27 34.97
N VAL C 127 -11.75 36.88 34.57
CA VAL C 127 -12.01 36.35 33.23
C VAL C 127 -13.18 37.11 32.63
N PHE C 128 -13.02 37.58 31.39
CA PHE C 128 -14.04 38.38 30.73
C PHE C 128 -14.24 37.99 29.26
N VAL C 129 -15.34 38.48 28.68
CA VAL C 129 -15.72 38.13 27.32
C VAL C 129 -16.65 39.18 26.72
N TYR C 130 -16.43 39.51 25.44
CA TYR C 130 -17.32 40.40 24.70
C TYR C 130 -18.33 39.58 23.91
N LEU C 131 -19.61 39.77 24.20
CA LEU C 131 -20.68 39.14 23.42
C LEU C 131 -21.46 40.17 22.62
N PRO C 132 -22.03 39.75 21.48
CA PRO C 132 -22.94 40.65 20.76
C PRO C 132 -24.10 41.03 21.67
N ALA C 133 -24.39 42.34 21.74
CA ALA C 133 -25.38 42.88 22.67
C ALA C 133 -26.78 42.27 22.48
N VAL C 134 -27.12 41.93 21.23
CA VAL C 134 -28.41 41.32 20.92
C VAL C 134 -28.52 39.85 21.35
N ASP C 135 -27.41 39.13 21.39
CA ASP C 135 -27.43 37.70 21.71
C ASP C 135 -27.74 37.49 23.19
N ASP C 136 -28.98 37.10 23.47
CA ASP C 136 -29.47 36.95 24.84
C ASP C 136 -29.32 35.54 25.37
N LEU C 137 -29.60 34.54 24.53
CA LEU C 137 -29.49 33.14 24.92
C LEU C 137 -28.09 32.81 25.45
N THR C 138 -27.07 33.38 24.79
CA THR C 138 -25.68 33.19 25.20
C THR C 138 -25.35 34.01 26.44
N LYS C 139 -25.88 35.23 26.52
CA LYS C 139 -25.63 36.12 27.65
C LYS C 139 -26.03 35.46 28.97
N GLN C 140 -27.21 34.85 28.99
CA GLN C 140 -27.71 34.21 30.19
C GLN C 140 -26.86 33.01 30.59
N TRP C 141 -26.36 32.26 29.61
CA TRP C 141 -25.53 31.08 29.86
C TRP C 141 -24.23 31.42 30.60
N PHE C 142 -23.64 32.56 30.26
CA PHE C 142 -22.46 33.05 30.97
C PHE C 142 -22.81 33.46 32.39
N ILE C 143 -23.87 34.26 32.53
CA ILE C 143 -24.31 34.75 33.83
C ILE C 143 -24.69 33.58 34.74
N ALA C 144 -25.33 32.56 34.15
CA ALA C 144 -25.62 31.31 34.86
C ALA C 144 -24.36 30.66 35.43
N HIS C 145 -23.23 30.85 34.76
CA HIS C 145 -21.94 30.38 35.26
C HIS C 145 -21.21 31.43 36.13
N GLY C 146 -21.94 32.34 36.74
CA GLY C 146 -21.38 33.30 37.69
C GLY C 146 -20.76 34.55 37.07
N PHE C 147 -21.10 34.84 35.82
CA PHE C 147 -20.68 36.10 35.21
C PHE C 147 -21.66 37.21 35.55
N GLU C 148 -21.21 38.45 35.36
CA GLU C 148 -22.05 39.62 35.58
C GLU C 148 -21.66 40.72 34.59
N GLN C 149 -22.66 41.44 34.09
CA GLN C 149 -22.42 42.50 33.13
C GLN C 149 -21.69 43.66 33.79
N VAL C 150 -20.75 44.27 33.08
CA VAL C 150 -20.07 45.48 33.56
C VAL C 150 -20.37 46.64 32.61
N GLY C 151 -20.79 47.76 33.19
CA GLY C 151 -21.18 48.93 32.40
C GLY C 151 -22.43 48.65 31.59
N GLU C 152 -22.35 48.93 30.30
CA GLU C 152 -23.49 48.76 29.40
C GLU C 152 -23.04 48.77 27.94
N THR C 153 -23.96 48.38 27.06
CA THR C 153 -23.71 48.28 25.60
C THR C 153 -22.56 49.14 25.11
N VAL C 154 -21.48 48.50 24.68
CA VAL C 154 -20.31 49.18 24.15
C VAL C 154 -20.56 49.51 22.68
N ASN C 155 -20.35 50.77 22.30
CA ASN C 155 -20.71 51.23 20.97
C ASN C 155 -19.86 50.61 19.85
N ASN C 156 -20.52 49.84 18.99
CA ASN C 156 -19.92 49.30 17.78
C ASN C 156 -18.53 48.68 17.97
N PHE C 157 -18.47 47.66 18.81
CA PHE C 157 -17.20 47.01 19.20
C PHE C 157 -16.82 45.85 18.29
N ILE C 158 -17.79 45.04 17.87
CA ILE C 158 -17.51 43.93 16.94
C ILE C 158 -17.53 44.42 15.49
N LYS C 159 -16.55 43.98 14.71
CA LYS C 159 -16.49 44.22 13.28
C LYS C 159 -16.51 42.88 12.56
N GLY C 160 -17.46 42.71 11.64
CA GLY C 160 -17.60 41.47 10.87
C GLY C 160 -16.73 41.45 9.63
N VAL C 161 -16.53 40.25 9.08
CA VAL C 161 -15.72 40.06 7.87
C VAL C 161 -16.41 40.69 6.65
N ASN C 162 -17.74 40.64 6.63
CA ASN C 162 -18.53 41.28 5.56
C ASN C 162 -18.53 42.82 5.62
N GLY C 163 -18.02 43.39 6.71
CA GLY C 163 -17.98 44.84 6.90
C GLY C 163 -18.88 45.27 8.04
N ASP C 164 -19.97 44.53 8.23
CA ASP C 164 -21.02 44.89 9.20
C ASP C 164 -20.50 45.12 10.63
N GLU C 165 -21.30 45.83 11.40
CA GLU C 165 -20.92 46.26 12.75
C GLU C 165 -22.10 46.06 13.70
N GLN C 166 -21.79 46.04 14.99
CA GLN C 166 -22.81 45.80 16.02
C GLN C 166 -22.31 46.23 17.40
N ASP C 167 -23.24 46.65 18.25
CA ASP C 167 -22.93 46.92 19.66
C ASP C 167 -22.68 45.61 20.41
N ALA C 168 -21.72 45.63 21.32
CA ALA C 168 -21.34 44.47 22.12
C ALA C 168 -21.49 44.76 23.62
N ILE C 169 -21.65 43.71 24.40
CA ILE C 169 -21.73 43.84 25.86
C ILE C 169 -20.60 43.04 26.51
N LEU C 170 -20.14 43.54 27.65
CA LEU C 170 -18.99 42.95 28.34
C LEU C 170 -19.44 42.27 29.62
N LEU C 171 -19.10 40.99 29.74
CA LEU C 171 -19.37 40.21 30.94
C LEU C 171 -18.06 39.96 31.67
N LYS C 172 -18.12 39.90 33.00
CA LYS C 172 -16.92 39.77 33.82
C LYS C 172 -17.20 38.80 34.97
N LYS C 173 -16.22 37.95 35.28
CA LYS C 173 -16.32 37.04 36.42
C LYS C 173 -15.03 37.01 37.23
N HIS C 174 -15.13 37.31 38.52
CA HIS C 174 -13.99 37.30 39.43
C HIS C 174 -13.62 35.88 39.81
N ILE C 175 -12.35 35.52 39.58
CA ILE C 175 -11.79 34.24 40.02
C ILE C 175 -10.92 34.53 41.24
N SER C 176 -11.26 33.89 42.36
CA SER C 176 -10.52 34.06 43.61
C SER C 176 -9.20 33.31 43.54
N SER D 1 5.78 4.54 14.74
CA SER D 1 6.44 4.78 13.48
C SER D 1 7.93 5.04 13.67
N TYR D 2 8.76 4.12 13.18
CA TYR D 2 10.20 4.27 13.26
C TYR D 2 10.65 5.28 12.21
N SER D 3 11.58 6.17 12.58
CA SER D 3 12.11 7.16 11.66
C SER D 3 13.50 6.76 11.21
N MET D 4 13.70 6.70 9.90
CA MET D 4 14.95 6.24 9.32
C MET D 4 15.81 7.41 8.83
N GLU D 5 15.78 8.54 9.54
CA GLU D 5 16.56 9.71 9.14
C GLU D 5 17.93 9.76 9.80
N HIS D 6 18.87 10.42 9.13
CA HIS D 6 20.28 10.42 9.51
C HIS D 6 20.98 11.69 9.03
PB G4P E . -6.72 2.94 -3.57
O1B G4P E . -6.43 3.07 -2.11
O2B G4P E . -6.28 1.64 -4.21
O3B G4P E . -6.30 4.17 -4.37
O3A G4P E . -8.34 2.93 -3.64
PA G4P E . -9.27 1.72 -3.09
O1A G4P E . -9.22 0.59 -4.09
O2A G4P E . -8.91 1.45 -1.65
O5' G4P E . -10.77 2.35 -3.10
C5' G4P E . -11.95 1.55 -2.96
C4' G4P E . -12.37 1.00 -4.34
O4' G4P E . -12.61 -0.41 -4.34
C3' G4P E . -13.65 1.62 -4.91
O3' G4P E . -13.31 2.35 -6.09
C2' G4P E . -14.51 0.44 -5.31
O2' G4P E . -15.25 0.69 -6.51
C1' G4P E . -13.44 -0.63 -5.49
N9 G4P E . -13.95 -2.02 -5.68
C8 G4P E . -14.43 -2.45 -6.86
N7 G4P E . -14.80 -3.75 -6.79
C5 G4P E . -14.57 -4.18 -5.54
C6 G4P E . -14.74 -5.46 -4.81
O6 G4P E . -15.22 -6.47 -5.38
N1 G4P E . -14.37 -5.52 -3.53
C2 G4P E . -13.85 -4.44 -2.89
N2 G4P E . -13.50 -4.59 -1.58
N3 G4P E . -13.66 -3.24 -3.50
C4 G4P E . -14.00 -3.04 -4.80
PC G4P E . -13.10 3.95 -6.11
O1C G4P E . -14.41 4.60 -5.73
O2C G4P E . -12.49 4.24 -7.47
O3C G4P E . -11.98 4.24 -4.98
PD G4P E . -11.43 5.71 -4.60
O1D G4P E . -10.19 5.44 -3.80
O2D G4P E . -11.14 6.42 -5.91
O3D G4P E . -12.54 6.35 -3.79
N1A ACO F . -29.30 19.19 29.76
C2A ACO F . -29.63 20.48 30.02
N3A ACO F . -28.80 21.32 30.64
C4A ACO F . -27.56 20.92 31.03
C5A ACO F . -27.12 19.55 30.79
C6A ACO F . -28.10 18.66 30.10
N6A ACO F . -27.80 17.38 29.83
N7A ACO F . -25.86 19.46 31.29
C8A ACO F . -25.53 20.68 31.81
N9A ACO F . -26.56 21.54 31.65
C1B ACO F . -26.68 22.96 32.03
C2B ACO F . -25.37 23.68 32.29
O2B ACO F . -25.15 23.96 33.68
C3B ACO F . -25.57 24.92 31.44
O3B ACO F . -26.29 25.90 32.21
P3B ACO F . -27.69 26.66 31.85
O7A ACO F . -28.24 27.03 33.21
O8A ACO F . -28.58 25.71 31.11
O9A ACO F . -27.23 27.85 31.03
C4B ACO F . -26.34 24.40 30.25
O4B ACO F . -27.29 23.58 30.89
C5B ACO F . -25.56 23.56 29.25
O5B ACO F . -24.27 24.12 28.95
P1A ACO F . -23.08 23.18 28.41
O1A ACO F . -23.66 21.89 27.88
O2A ACO F . -22.01 23.13 29.46
O3A ACO F . -22.55 24.07 27.18
P2A ACO F . -22.96 23.76 25.65
O4A ACO F . -22.20 22.54 25.18
O5A ACO F . -24.46 23.84 25.49
O6A ACO F . -22.30 25.03 24.95
CBP ACO F . -22.26 27.34 24.34
CCP ACO F . -22.58 26.34 25.43
CDP ACO F . -22.79 28.70 24.77
CEP ACO F . -20.75 27.38 24.18
CAP ACO F . -22.92 26.89 23.03
OAP ACO F . -24.29 26.51 23.29
C9P ACO F . -22.94 27.95 21.98
O9P ACO F . -23.99 28.55 21.79
N8P ACO F . -21.81 28.21 21.31
C7P ACO F . -21.71 29.18 20.23
C6P ACO F . -22.43 30.52 20.46
C5P ACO F . -21.41 31.57 20.78
O5P ACO F . -21.22 32.47 19.99
N4P ACO F . -20.69 31.36 21.87
C3P ACO F . -19.38 31.93 22.09
C2P ACO F . -19.16 33.42 22.09
S1P ACO F . -17.50 33.59 21.53
C ACO F . -16.78 35.02 21.98
O ACO F . -15.95 35.01 22.88
CH3 ACO F . -17.15 36.30 21.27
N1A CMC G . -8.77 9.56 18.53
C2A CMC G . -8.71 9.00 19.75
N3A CMC G . -8.78 7.67 19.94
C4A CMC G . -8.92 6.81 18.89
C5A CMC G . -8.98 7.31 17.60
C6A CMC G . -8.90 8.78 17.42
N6A CMC G . -8.96 9.33 16.19
N7A CMC G . -9.11 6.28 16.75
C8A CMC G . -9.13 5.15 17.51
N9A CMC G . -9.00 5.48 18.80
C1B CMC G . -8.99 4.56 19.96
C2B CMC G . -10.23 3.69 19.98
O2B CMC G . -11.35 4.36 20.58
C3B CMC G . -9.77 2.50 20.78
O3B CMC G . -9.92 2.74 22.18
P3B CMC G . -10.76 1.75 23.14
O7A CMC G . -12.09 1.65 22.43
O8A CMC G . -9.94 0.48 23.19
O9A CMC G . -10.78 2.51 24.44
C4B CMC G . -8.27 2.39 20.45
O4B CMC G . -7.87 3.67 19.95
C5B CMC G . -7.98 1.30 19.43
O5B CMC G . -8.75 1.56 18.26
P1A CMC G . -8.49 0.73 16.90
O1A CMC G . -9.81 0.60 16.15
O2A CMC G . -7.73 -0.52 17.23
O3A CMC G . -7.53 1.75 16.11
P2A CMC G . -7.36 1.60 14.53
O4A CMC G . -8.35 2.53 13.90
O5A CMC G . -7.41 0.12 14.23
O6A CMC G . -5.88 2.14 14.25
CBP CMC G . -4.13 3.77 14.25
CCP CMC G . -5.26 3.13 15.05
CDP CMC G . -3.42 4.85 15.08
CEP CMC G . -3.13 2.68 13.88
CAP CMC G . -4.76 4.37 12.99
OAP CMC G . -5.62 5.44 13.37
C9P CMC G . -3.75 4.79 11.95
O9P CMC G . -3.39 3.96 11.14
N8P CMC G . -3.34 5.97 11.92
C7P CMC G . -2.40 6.56 10.96
C6P CMC G . -1.01 5.95 11.12
C5P CMC G . -0.38 6.42 12.40
O5P CMC G . -0.54 7.56 12.79
N4P CMC G . 0.31 5.58 13.04
C3P CMC G . 0.97 5.90 14.28
C2P CMC G . 1.56 4.61 14.83
S1P CMC G . 2.80 5.06 16.01
C1 CMC G . 3.96 3.73 16.09
C2 CMC G . 4.72 3.76 14.80
O21 CMC G . 4.31 3.11 13.86
#